data_4PAG
#
_entry.id   4PAG
#
_cell.length_a   83.055
_cell.length_b   50.813
_cell.length_c   91.544
_cell.angle_alpha   90.000
_cell.angle_beta   98.000
_cell.angle_gamma   90.000
#
_symmetry.space_group_name_H-M   'P 1 21 1'
#
loop_
_entity.id
_entity.type
_entity.pdbx_description
1 polymer 'Periplasmic binding protein'
2 non-polymer '2-(N-MORPHOLINO)-ETHANESULFONIC ACID'
3 non-polymer DI(HYDROXYETHYL)ETHER
4 non-polymer HISTIDINE
5 water water
#
_entity_poly.entity_id   1
_entity_poly.type   'polypeptide(L)'
_entity_poly.pdbx_seq_one_letter_code
;NESRTFLDVSNKPIVLPEHITRIYGSAPPISF(MSE)IYVIDDTPLIGVNSPQTNKDNNNGEKFLSKHF(MSE)ELPILG
GWHGNNIPNLEAILAAKPDVIITWDTPLLNEKTAKDLARISIPALKVNIDDSQNYPEVFRYLGRV(MSE)QKEERANALA
N(MSE)AQTYLDELKTFVASIPEKERTKVYYAEGDFGLQTECDRSFHSEPLALAGGNLVHKCVQNSVVGLQEVSFEQIIL
YDPEVIIVQNPTFYKTVFREKKWAVLKAVQNKKVYLVPKSPFNWTDRPPSF(MSE)RILGAHWIASKLYPTRYPYKIEDK
VKAFYQLFFGVELSNEDLKTYFKL
;
_entity_poly.pdbx_strand_id   A,B
#
loop_
_chem_comp.id
_chem_comp.type
_chem_comp.name
_chem_comp.formula
MES non-polymer '2-(N-MORPHOLINO)-ETHANESULFONIC ACID' 'C6 H13 N O4 S'
PEG non-polymer DI(HYDROXYETHYL)ETHER 'C4 H10 O3'
#
# COMPACT_ATOMS: atom_id res chain seq x y z
N GLU A 2 14.90 -12.65 22.69
CA GLU A 2 15.55 -13.03 21.39
C GLU A 2 14.82 -12.36 20.22
N SER A 3 13.54 -12.66 20.09
CA SER A 3 12.66 -11.95 19.16
C SER A 3 12.47 -10.49 19.61
N ARG A 4 12.64 -10.27 20.91
CA ARG A 4 12.53 -8.95 21.51
C ARG A 4 13.87 -8.33 21.89
N THR A 5 14.96 -8.84 21.29
CA THR A 5 16.30 -8.34 21.56
C THR A 5 16.71 -7.37 20.46
N PHE A 6 17.15 -6.19 20.87
CA PHE A 6 17.58 -5.14 19.94
C PHE A 6 18.88 -4.52 20.44
N LEU A 7 19.69 -4.03 19.52
CA LEU A 7 20.90 -3.29 19.90
C LEU A 7 20.51 -1.84 20.17
N ASP A 8 20.84 -1.35 21.36
CA ASP A 8 20.44 -0.02 21.80
C ASP A 8 21.41 1.06 21.29
N VAL A 9 21.27 2.28 21.81
CA VAL A 9 22.08 3.42 21.33
C VAL A 9 23.58 3.28 21.60
N SER A 10 23.94 2.44 22.58
CA SER A 10 25.33 2.13 22.89
C SER A 10 25.78 0.81 22.26
N ASN A 11 25.01 0.29 21.32
CA ASN A 11 25.34 -0.97 20.64
C ASN A 11 25.29 -2.18 21.58
N LYS A 12 24.56 -2.07 22.68
CA LYS A 12 24.40 -3.19 23.62
C LYS A 12 23.05 -3.86 23.40
N PRO A 13 23.02 -5.21 23.44
CA PRO A 13 21.74 -5.88 23.28
C PRO A 13 20.84 -5.64 24.48
N ILE A 14 19.62 -5.18 24.24
CA ILE A 14 18.62 -5.02 25.30
C ILE A 14 17.35 -5.77 24.92
N VAL A 15 16.60 -6.19 25.93
CA VAL A 15 15.35 -6.92 25.70
C VAL A 15 14.17 -6.01 26.00
N LEU A 16 13.35 -5.75 24.99
CA LEU A 16 12.12 -4.97 25.17
C LEU A 16 10.96 -5.84 25.61
N PRO A 17 9.93 -5.23 26.21
CA PRO A 17 8.67 -5.93 26.47
C PRO A 17 8.04 -6.48 25.18
N GLU A 18 7.26 -7.53 25.35
CA GLU A 18 6.54 -8.15 24.24
C GLU A 18 5.68 -7.13 23.52
N HIS A 19 4.92 -6.35 24.28
CA HIS A 19 4.04 -5.32 23.72
C HIS A 19 4.44 -3.92 24.15
N ILE A 20 4.77 -3.09 23.17
CA ILE A 20 5.07 -1.68 23.40
C ILE A 20 3.75 -0.93 23.38
N THR A 21 3.32 -0.41 24.53
CA THR A 21 2.08 0.37 24.61
C THR A 21 2.35 1.86 24.80
N ARG A 22 3.59 2.23 25.12
CA ARG A 22 4.00 3.62 25.31
C ARG A 22 5.35 3.83 24.62
N ILE A 23 5.43 4.80 23.72
CA ILE A 23 6.65 5.04 22.95
C ILE A 23 6.87 6.53 22.80
N TYR A 24 8.12 6.93 22.64
CA TYR A 24 8.47 8.33 22.45
C TYR A 24 9.55 8.41 21.37
N GLY A 25 9.36 9.34 20.43
CA GLY A 25 10.35 9.63 19.42
C GLY A 25 11.14 10.86 19.82
N SER A 26 12.45 10.83 19.59
CA SER A 26 13.36 11.87 20.09
C SER A 26 13.26 13.22 19.35
N ALA A 27 12.66 13.20 18.16
CA ALA A 27 12.59 14.38 17.32
C ALA A 27 11.49 14.19 16.26
N PRO A 28 11.04 15.29 15.62
CA PRO A 28 9.92 15.16 14.68
C PRO A 28 10.10 14.13 13.54
N PRO A 29 11.32 13.98 12.98
CA PRO A 29 11.45 12.92 11.97
C PRO A 29 10.98 11.55 12.49
N ILE A 30 11.26 11.29 13.76
CA ILE A 30 10.92 10.01 14.38
C ILE A 30 9.45 9.96 14.80
N SER A 31 8.99 10.99 15.49
CA SER A 31 7.60 11.07 15.91
C SER A 31 6.64 11.01 14.71
N PHE A 32 6.95 11.71 13.62
CA PHE A 32 6.10 11.68 12.42
C PHE A 32 6.01 10.27 11.84
N MSE A 33 7.13 9.55 11.84
CA MSE A 33 7.18 8.18 11.30
C MSE A 33 6.42 7.21 12.17
O MSE A 33 5.71 6.34 11.66
CB MSE A 33 8.66 7.81 11.18
CG MSE A 33 8.87 6.43 10.61
SE MSE A 33 10.75 6.26 10.01
CE MSE A 33 11.70 7.09 11.51
N ILE A 34 6.55 7.35 13.49
CA ILE A 34 5.77 6.51 14.40
C ILE A 34 4.27 6.76 14.19
N TYR A 35 3.91 8.03 13.95
CA TYR A 35 2.51 8.37 13.72
C TYR A 35 1.90 7.51 12.60
N VAL A 36 2.56 7.45 11.45
CA VAL A 36 1.98 6.75 10.31
C VAL A 36 1.97 5.23 10.49
N ILE A 37 2.83 4.69 11.35
CA ILE A 37 2.77 3.26 11.69
C ILE A 37 1.59 3.04 12.65
N ASP A 38 1.61 3.72 13.79
CA ASP A 38 0.51 3.66 14.76
C ASP A 38 0.69 4.75 15.80
N ASP A 39 -0.25 5.68 15.87
CA ASP A 39 -0.16 6.79 16.81
C ASP A 39 -0.58 6.41 18.25
N THR A 40 -1.28 5.28 18.38
CA THR A 40 -1.84 4.87 19.66
C THR A 40 -0.82 4.94 20.82
N PRO A 41 0.38 4.35 20.65
CA PRO A 41 1.29 4.35 21.81
C PRO A 41 2.13 5.63 22.03
N LEU A 42 2.03 6.65 21.17
CA LEU A 42 2.82 7.87 21.36
C LEU A 42 2.43 8.61 22.64
N ILE A 43 3.42 8.90 23.48
CA ILE A 43 3.17 9.61 24.75
C ILE A 43 3.14 11.13 24.59
N GLY A 44 3.65 11.62 23.46
CA GLY A 44 3.82 13.04 23.24
C GLY A 44 4.47 13.34 21.90
N VAL A 45 4.47 14.62 21.53
CA VAL A 45 5.15 15.11 20.34
C VAL A 45 6.35 15.96 20.78
N ASN A 46 7.19 16.35 19.82
CA ASN A 46 8.40 17.10 20.12
C ASN A 46 8.20 18.61 20.00
N SER A 47 7.37 19.01 19.03
CA SER A 47 7.06 20.39 18.71
C SER A 47 5.53 20.55 18.57
N PRO A 48 5.04 21.79 18.56
CA PRO A 48 3.61 22.00 18.30
C PRO A 48 3.19 21.35 17.00
N GLN A 49 2.04 20.68 17.01
CA GLN A 49 1.60 19.88 15.86
C GLN A 49 1.36 20.74 14.61
N THR A 50 0.92 21.98 14.80
CA THR A 50 0.81 22.94 13.73
C THR A 50 1.80 24.04 14.02
N ASN A 51 2.67 24.31 13.06
CA ASN A 51 3.70 25.32 13.22
C ASN A 51 3.99 25.93 11.84
N LYS A 52 5.06 26.71 11.74
CA LYS A 52 5.36 27.41 10.50
C LYS A 52 5.62 26.46 9.31
N ASP A 53 6.18 25.29 9.60
CA ASP A 53 6.66 24.38 8.56
C ASP A 53 5.72 23.19 8.32
N ASN A 54 4.73 23.04 9.20
CA ASN A 54 3.82 21.90 9.17
C ASN A 54 2.41 22.40 9.50
N ASN A 55 1.51 22.27 8.54
CA ASN A 55 0.21 22.95 8.55
C ASN A 55 -0.98 22.01 8.38
N ASN A 56 -2.15 22.48 8.80
CA ASN A 56 -3.43 21.83 8.51
C ASN A 56 -3.55 20.42 9.07
N GLY A 57 -2.84 20.14 10.15
CA GLY A 57 -2.83 18.78 10.72
C GLY A 57 -4.20 18.25 11.05
N GLU A 58 -5.10 19.11 11.50
CA GLU A 58 -6.43 18.67 11.92
C GLU A 58 -7.25 18.04 10.77
N LYS A 59 -6.92 18.39 9.54
CA LYS A 59 -7.59 17.84 8.38
C LYS A 59 -7.04 16.45 7.98
N PHE A 60 -5.83 16.12 8.42
CA PHE A 60 -5.13 14.91 7.97
C PHE A 60 -4.75 13.91 9.07
N LEU A 61 -4.68 14.37 10.32
CA LEU A 61 -4.14 13.56 11.42
C LEU A 61 -5.21 13.26 12.46
N SER A 62 -5.01 12.19 13.20
CA SER A 62 -5.98 11.78 14.22
C SER A 62 -6.12 12.83 15.30
N LYS A 63 -7.31 12.91 15.89
CA LYS A 63 -7.54 13.79 17.02
C LYS A 63 -6.60 13.44 18.18
N HIS A 64 -6.38 12.15 18.41
CA HIS A 64 -5.46 11.70 19.47
C HIS A 64 -4.09 12.36 19.31
N PHE A 65 -3.52 12.27 18.11
CA PHE A 65 -2.21 12.84 17.84
C PHE A 65 -2.21 14.35 18.06
N MSE A 66 -3.26 15.03 17.59
CA MSE A 66 -3.34 16.50 17.66
C MSE A 66 -3.47 16.98 19.09
O MSE A 66 -3.15 18.15 19.36
CB MSE A 66 -4.54 17.07 16.91
CG MSE A 66 -4.46 16.83 15.40
SE MSE A 66 -2.91 17.72 14.58
CE MSE A 66 -3.51 19.57 14.87
N GLU A 67 -3.91 16.13 20.00
CA GLU A 67 -4.09 16.51 21.41
C GLU A 67 -2.94 16.08 22.33
N LEU A 68 -1.91 15.44 21.79
CA LEU A 68 -0.77 15.01 22.61
C LEU A 68 0.01 16.21 23.14
N PRO A 69 0.59 16.07 24.34
CA PRO A 69 1.38 17.16 24.89
C PRO A 69 2.77 17.22 24.25
N ILE A 70 3.39 18.39 24.33
CA ILE A 70 4.71 18.62 23.79
C ILE A 70 5.73 18.30 24.87
N LEU A 71 6.64 17.38 24.56
CA LEU A 71 7.66 16.94 25.52
C LEU A 71 9.08 17.32 25.10
N GLY A 72 9.19 18.11 24.03
CA GLY A 72 10.50 18.53 23.55
C GLY A 72 11.24 17.41 22.85
N GLY A 73 12.49 17.64 22.51
CA GLY A 73 13.27 16.67 21.77
C GLY A 73 14.67 17.16 21.49
N TRP A 74 15.47 16.27 20.88
CA TRP A 74 16.85 16.58 20.51
C TRP A 74 16.89 16.90 19.03
N HIS A 75 16.79 18.19 18.71
CA HIS A 75 16.81 18.67 17.33
C HIS A 75 16.88 20.21 17.33
N GLY A 76 17.12 20.79 16.16
CA GLY A 76 17.34 22.23 16.04
C GLY A 76 16.28 23.09 16.70
N ASN A 77 16.73 24.07 17.50
CA ASN A 77 15.84 25.02 18.18
C ASN A 77 14.89 24.35 19.18
N ASN A 78 15.34 23.23 19.76
CA ASN A 78 14.55 22.55 20.80
C ASN A 78 15.47 21.79 21.77
N ILE A 79 14.91 21.42 22.91
CA ILE A 79 15.62 20.70 23.98
C ILE A 79 14.61 19.73 24.61
N PRO A 80 15.05 18.55 25.10
CA PRO A 80 14.08 17.63 25.68
C PRO A 80 13.59 18.00 27.08
N ASN A 81 12.33 17.69 27.38
CA ASN A 81 11.81 17.78 28.75
C ASN A 81 12.09 16.44 29.46
N LEU A 82 13.29 16.30 29.98
CA LEU A 82 13.76 15.03 30.56
C LEU A 82 12.89 14.52 31.71
N GLU A 83 12.48 15.42 32.59
CA GLU A 83 11.65 15.04 33.74
C GLU A 83 10.30 14.50 33.27
N ALA A 84 9.70 15.16 32.29
CA ALA A 84 8.40 14.75 31.76
C ALA A 84 8.48 13.43 30.98
N ILE A 85 9.53 13.30 30.17
CA ILE A 85 9.76 12.05 29.45
C ILE A 85 9.89 10.92 30.46
N LEU A 86 10.74 11.09 31.46
CA LEU A 86 10.94 10.06 32.47
C LEU A 86 9.62 9.74 33.18
N ALA A 87 8.87 10.78 33.54
CA ALA A 87 7.61 10.60 34.26
C ALA A 87 6.56 9.88 33.42
N ALA A 88 6.60 10.07 32.10
CA ALA A 88 5.61 9.47 31.20
C ALA A 88 5.83 7.98 30.94
N LYS A 89 7.00 7.45 31.31
CA LYS A 89 7.26 6.01 31.26
C LYS A 89 7.03 5.40 29.88
N PRO A 90 7.75 5.88 28.86
CA PRO A 90 7.68 5.14 27.61
C PRO A 90 8.39 3.81 27.77
N ASP A 91 7.88 2.75 27.14
CA ASP A 91 8.57 1.45 27.14
C ASP A 91 9.91 1.52 26.41
N VAL A 92 9.98 2.38 25.39
CA VAL A 92 11.20 2.56 24.63
C VAL A 92 11.21 3.96 24.02
N ILE A 93 12.41 4.49 23.80
CA ILE A 93 12.60 5.76 23.10
C ILE A 93 13.33 5.46 21.79
N ILE A 94 12.83 6.02 20.70
CA ILE A 94 13.46 5.87 19.41
C ILE A 94 14.12 7.20 19.08
N THR A 95 15.42 7.16 18.78
CA THR A 95 16.17 8.38 18.49
C THR A 95 16.66 8.47 17.05
N TRP A 96 17.06 9.69 16.69
CA TRP A 96 17.59 10.02 15.38
C TRP A 96 19.11 9.82 15.38
N ASP A 97 19.59 8.84 14.61
CA ASP A 97 21.01 8.50 14.55
C ASP A 97 21.72 9.38 13.53
N THR A 98 22.20 10.54 13.97
CA THR A 98 22.92 11.46 13.08
C THR A 98 24.04 12.14 13.89
N PRO A 99 25.24 12.30 13.28
CA PRO A 99 26.43 12.69 14.06
C PRO A 99 26.33 13.98 14.84
N LEU A 100 25.66 15.00 14.29
CA LEU A 100 25.50 16.26 15.00
C LEU A 100 24.57 16.19 16.22
N LEU A 101 23.80 15.11 16.36
CA LEU A 101 22.91 14.94 17.53
C LEU A 101 23.26 13.81 18.50
N ASN A 102 24.10 12.86 18.07
CA ASN A 102 24.27 11.62 18.85
C ASN A 102 24.92 11.83 20.23
N GLU A 103 25.84 12.79 20.34
CA GLU A 103 26.55 13.02 21.62
C GLU A 103 25.59 13.43 22.72
N LYS A 104 24.90 14.55 22.50
CA LYS A 104 23.95 15.10 23.46
C LYS A 104 22.83 14.09 23.77
N THR A 105 22.35 13.40 22.74
CA THR A 105 21.29 12.42 22.90
C THR A 105 21.77 11.30 23.84
N ALA A 106 22.96 10.78 23.58
CA ALA A 106 23.51 9.67 24.39
C ALA A 106 23.72 10.08 25.85
N LYS A 107 24.26 11.27 26.06
CA LYS A 107 24.41 11.85 27.40
C LYS A 107 23.09 11.86 28.17
N ASP A 108 22.07 12.48 27.58
CA ASP A 108 20.78 12.67 28.25
C ASP A 108 20.01 11.36 28.47
N LEU A 109 20.13 10.44 27.51
CA LEU A 109 19.48 9.14 27.64
C LEU A 109 20.05 8.35 28.82
N ALA A 110 21.36 8.48 29.07
CA ALA A 110 22.00 7.85 30.23
C ALA A 110 21.35 8.34 31.52
N ARG A 111 21.14 9.65 31.58
CA ARG A 111 20.49 10.28 32.73
C ARG A 111 19.08 9.76 32.95
N ILE A 112 18.33 9.60 31.84
CA ILE A 112 16.94 9.14 31.87
C ILE A 112 16.80 7.67 32.25
N SER A 113 17.71 6.84 31.73
CA SER A 113 17.70 5.40 32.03
C SER A 113 16.41 4.70 31.56
N ILE A 114 15.99 5.02 30.35
CA ILE A 114 14.91 4.32 29.64
C ILE A 114 15.56 3.64 28.43
N PRO A 115 15.18 2.40 28.09
CA PRO A 115 15.70 1.75 26.88
C PRO A 115 15.57 2.62 25.63
N ALA A 116 16.62 2.72 24.82
CA ALA A 116 16.58 3.57 23.64
C ALA A 116 17.28 2.96 22.42
N LEU A 117 16.63 3.07 21.27
CA LEU A 117 17.17 2.62 20.00
C LEU A 117 17.38 3.84 19.15
N LYS A 118 18.24 3.72 18.14
CA LYS A 118 18.43 4.80 17.20
C LYS A 118 18.32 4.29 15.78
N VAL A 119 17.82 5.15 14.89
CA VAL A 119 17.63 4.79 13.50
C VAL A 119 18.28 5.81 12.58
N ASN A 120 18.90 5.31 11.52
CA ASN A 120 19.65 6.13 10.59
C ASN A 120 18.80 6.47 9.37
N ILE A 121 18.32 7.70 9.31
CA ILE A 121 17.36 8.11 8.27
C ILE A 121 17.89 9.22 7.35
N ASP A 122 19.18 9.53 7.45
CA ASP A 122 19.72 10.65 6.69
C ASP A 122 19.68 10.37 5.18
N ASP A 123 20.05 9.17 4.77
CA ASP A 123 19.88 8.72 3.39
C ASP A 123 18.45 8.24 3.27
N SER A 124 17.66 8.90 2.42
CA SER A 124 16.24 8.54 2.28
C SER A 124 16.04 7.11 1.75
N GLN A 125 17.04 6.56 1.06
N GLN A 125 17.05 6.56 1.07
CA GLN A 125 16.99 5.17 0.61
CA GLN A 125 16.98 5.17 0.61
C GLN A 125 16.88 4.19 1.79
C GLN A 125 16.88 4.19 1.79
N ASN A 126 17.25 4.64 2.99
CA ASN A 126 17.11 3.82 4.21
C ASN A 126 15.67 3.69 4.76
N TYR A 127 14.71 4.47 4.26
CA TYR A 127 13.37 4.44 4.86
C TYR A 127 12.69 3.06 4.88
N PRO A 128 12.79 2.27 3.79
CA PRO A 128 12.15 0.95 3.85
C PRO A 128 12.66 0.08 5.01
N GLU A 129 13.96 -0.05 5.16
CA GLU A 129 14.50 -0.87 6.25
C GLU A 129 14.19 -0.29 7.64
N VAL A 130 14.17 1.03 7.77
CA VAL A 130 13.83 1.67 9.04
C VAL A 130 12.37 1.42 9.38
N PHE A 131 11.48 1.55 8.40
CA PHE A 131 10.07 1.18 8.61
C PHE A 131 9.92 -0.27 9.08
N ARG A 132 10.54 -1.21 8.38
CA ARG A 132 10.47 -2.62 8.78
C ARG A 132 10.99 -2.85 10.22
N TYR A 133 12.11 -2.22 10.54
CA TYR A 133 12.71 -2.28 11.87
C TYR A 133 11.73 -1.79 12.92
N LEU A 134 11.15 -0.61 12.70
CA LEU A 134 10.18 -0.07 13.64
C LEU A 134 8.93 -0.93 13.78
N GLY A 135 8.51 -1.58 12.69
CA GLY A 135 7.44 -2.57 12.74
C GLY A 135 7.72 -3.73 13.69
N ARG A 136 8.96 -4.23 13.69
N ARG A 136 8.95 -4.24 13.67
CA ARG A 136 9.35 -5.31 14.60
CA ARG A 136 9.38 -5.30 14.60
C ARG A 136 9.33 -4.80 16.04
C ARG A 136 9.30 -4.78 16.03
N VAL A 137 9.90 -3.62 16.27
CA VAL A 137 9.91 -2.98 17.60
C VAL A 137 8.49 -2.84 18.16
N MSE A 138 7.60 -2.25 17.35
CA MSE A 138 6.25 -1.94 17.78
C MSE A 138 5.26 -3.07 17.63
O MSE A 138 4.12 -2.92 18.02
CB MSE A 138 5.80 -0.73 16.94
CG MSE A 138 6.59 0.55 17.20
SE MSE A 138 6.04 2.03 16.02
CE MSE A 138 4.23 2.23 16.80
N GLN A 139 5.67 -4.21 17.07
CA GLN A 139 4.77 -5.31 16.72
C GLN A 139 3.63 -4.83 15.81
N LYS A 140 4.01 -4.01 14.82
CA LYS A 140 3.09 -3.49 13.80
C LYS A 140 3.71 -3.82 12.43
N GLU A 141 4.05 -5.09 12.27
CA GLU A 141 4.85 -5.54 11.14
C GLU A 141 4.12 -5.39 9.80
N GLU A 142 2.85 -5.80 9.74
CA GLU A 142 2.13 -5.73 8.45
C GLU A 142 1.93 -4.28 8.02
N ARG A 143 1.58 -3.41 8.96
CA ARG A 143 1.45 -1.99 8.66
C ARG A 143 2.78 -1.39 8.22
N ALA A 144 3.83 -1.60 9.00
CA ALA A 144 5.13 -1.03 8.69
C ALA A 144 5.68 -1.57 7.37
N ASN A 145 5.45 -2.85 7.08
CA ASN A 145 5.88 -3.46 5.83
C ASN A 145 5.15 -2.90 4.60
N ALA A 146 3.86 -2.57 4.74
CA ALA A 146 3.11 -1.95 3.65
C ALA A 146 3.73 -0.60 3.28
N LEU A 147 4.03 0.20 4.29
CA LEU A 147 4.68 1.51 4.10
C LEU A 147 6.06 1.36 3.47
N ALA A 148 6.83 0.39 3.98
CA ALA A 148 8.16 0.11 3.47
C ALA A 148 8.14 -0.28 2.00
N ASN A 149 7.15 -1.07 1.59
N ASN A 149 7.14 -1.06 1.61
CA ASN A 149 7.07 -1.50 0.20
CA ASN A 149 7.02 -1.51 0.21
C ASN A 149 6.80 -0.34 -0.77
C ASN A 149 6.81 -0.35 -0.76
N MSE A 150 5.90 0.56 -0.40
CA MSE A 150 5.65 1.76 -1.22
C MSE A 150 6.87 2.65 -1.24
O MSE A 150 7.26 3.15 -2.30
CB MSE A 150 4.43 2.57 -0.77
CG MSE A 150 4.19 3.74 -1.72
SE MSE A 150 2.51 4.72 -1.34
CE MSE A 150 1.31 3.48 -2.26
N ALA A 151 7.49 2.84 -0.08
CA ALA A 151 8.73 3.56 0.02
C ALA A 151 9.78 2.98 -0.95
N GLN A 152 9.98 1.67 -0.89
CA GLN A 152 10.97 1.02 -1.74
C GLN A 152 10.70 1.27 -3.23
N THR A 153 9.45 1.08 -3.64
CA THR A 153 9.06 1.30 -5.03
C THR A 153 9.31 2.74 -5.49
N TYR A 154 8.85 3.70 -4.70
CA TYR A 154 9.01 5.11 -5.07
C TYR A 154 10.49 5.48 -5.15
N LEU A 155 11.26 5.03 -4.17
CA LEU A 155 12.69 5.32 -4.12
C LEU A 155 13.45 4.69 -5.30
N ASP A 156 13.11 3.45 -5.65
CA ASP A 156 13.73 2.76 -6.80
C ASP A 156 13.38 3.45 -8.12
N GLU A 157 12.13 3.85 -8.28
CA GLU A 157 11.70 4.57 -9.48
C GLU A 157 12.47 5.87 -9.66
N LEU A 158 12.62 6.60 -8.57
CA LEU A 158 13.35 7.87 -8.60
C LEU A 158 14.82 7.66 -8.92
N LYS A 159 15.43 6.65 -8.28
CA LYS A 159 16.84 6.34 -8.52
C LYS A 159 17.13 6.00 -9.98
N THR A 160 16.26 5.19 -10.57
CA THR A 160 16.38 4.81 -11.96
C THR A 160 16.20 6.02 -12.87
N PHE A 161 15.20 6.86 -12.59
CA PHE A 161 15.02 8.09 -13.37
C PHE A 161 16.23 9.04 -13.28
N VAL A 162 16.69 9.33 -12.07
CA VAL A 162 17.81 10.24 -11.89
C VAL A 162 19.09 9.73 -12.58
N ALA A 163 19.32 8.42 -12.51
CA ALA A 163 20.44 7.80 -13.23
C ALA A 163 20.41 8.05 -14.74
N SER A 164 19.22 8.24 -15.31
CA SER A 164 19.09 8.52 -16.75
C SER A 164 19.42 9.96 -17.16
N ILE A 165 19.65 10.84 -16.18
CA ILE A 165 20.00 12.23 -16.46
C ILE A 165 21.52 12.39 -16.34
N PRO A 166 22.23 12.64 -17.46
CA PRO A 166 23.67 12.88 -17.40
C PRO A 166 24.03 14.01 -16.44
N GLU A 167 25.19 13.90 -15.81
CA GLU A 167 25.58 14.87 -14.77
C GLU A 167 25.63 16.31 -15.29
N LYS A 168 26.07 16.48 -16.53
CA LYS A 168 26.12 17.80 -17.18
C LYS A 168 24.74 18.38 -17.51
N GLU A 169 23.70 17.56 -17.45
CA GLU A 169 22.33 18.02 -17.72
C GLU A 169 21.48 18.16 -16.44
N ARG A 170 22.10 18.06 -15.26
CA ARG A 170 21.37 18.16 -14.01
C ARG A 170 20.93 19.59 -13.75
N THR A 171 19.68 19.75 -13.33
CA THR A 171 19.07 21.08 -13.15
C THR A 171 19.69 21.80 -11.95
N LYS A 172 20.20 23.01 -12.16
CA LYS A 172 20.69 23.82 -11.04
C LYS A 172 19.53 24.32 -10.20
N VAL A 173 19.62 24.10 -8.88
CA VAL A 173 18.55 24.47 -7.97
C VAL A 173 19.09 25.23 -6.75
N TYR A 174 18.37 26.27 -6.36
CA TYR A 174 18.64 27.02 -5.15
C TYR A 174 17.51 26.77 -4.17
N TYR A 175 17.87 26.35 -2.96
CA TYR A 175 16.91 26.12 -1.89
C TYR A 175 16.80 27.39 -1.06
N ALA A 176 15.69 28.11 -1.23
CA ALA A 176 15.54 29.43 -0.61
C ALA A 176 14.82 29.29 0.72
N GLU A 177 15.54 29.56 1.80
CA GLU A 177 14.99 29.47 3.14
C GLU A 177 14.90 30.84 3.78
N GLY A 178 14.13 30.93 4.86
CA GLY A 178 13.91 32.17 5.57
C GLY A 178 12.94 33.11 4.89
N ASP A 179 12.60 34.17 5.59
CA ASP A 179 11.59 35.12 5.11
C ASP A 179 12.05 35.94 3.92
N PHE A 180 13.35 35.99 3.69
CA PHE A 180 13.90 36.84 2.65
C PHE A 180 14.65 36.05 1.59
N GLY A 181 14.59 34.72 1.67
CA GLY A 181 15.24 33.86 0.70
C GLY A 181 16.76 33.83 0.78
N LEU A 182 17.32 34.41 1.84
CA LEU A 182 18.78 34.61 1.94
C LEU A 182 19.49 33.62 2.86
N GLN A 183 18.79 32.55 3.23
N GLN A 183 18.76 32.55 3.24
CA GLN A 183 19.43 31.42 3.85
CA GLN A 183 19.32 31.41 3.94
C GLN A 183 19.23 30.23 2.94
C GLN A 183 19.19 30.22 2.98
N THR A 184 20.16 29.31 3.00
CA THR A 184 20.11 28.11 2.17
C THR A 184 20.79 26.97 2.88
N GLU A 185 20.88 25.83 2.20
CA GLU A 185 21.61 24.69 2.72
C GLU A 185 22.80 24.39 1.86
N CYS A 186 23.79 23.78 2.48
CA CYS A 186 24.90 23.18 1.76
C CYS A 186 24.36 22.07 0.85
N ASP A 187 25.07 21.81 -0.24
CA ASP A 187 24.71 20.70 -1.12
C ASP A 187 24.81 19.35 -0.43
N ARG A 188 25.62 19.26 0.64
CA ARG A 188 25.65 18.07 1.50
C ARG A 188 25.14 18.44 2.88
N SER A 189 23.87 18.13 3.13
CA SER A 189 23.19 18.52 4.37
C SER A 189 21.96 17.65 4.53
N PHE A 190 21.62 17.26 5.75
CA PHE A 190 20.39 16.50 5.92
C PHE A 190 19.12 17.34 5.65
N HIS A 191 19.28 18.66 5.60
CA HIS A 191 18.17 19.55 5.25
C HIS A 191 17.89 19.65 3.75
N SER A 192 18.88 19.34 2.90
CA SER A 192 18.74 19.44 1.44
C SER A 192 18.80 18.11 0.68
N GLU A 193 18.99 17.01 1.42
CA GLU A 193 19.12 15.67 0.82
C GLU A 193 18.15 15.30 -0.32
N PRO A 194 16.83 15.58 -0.15
CA PRO A 194 15.91 15.16 -1.21
C PRO A 194 16.06 15.96 -2.50
N LEU A 195 16.63 17.15 -2.40
CA LEU A 195 16.92 17.95 -3.60
C LEU A 195 17.99 17.27 -4.44
N ALA A 196 19.01 16.72 -3.79
CA ALA A 196 20.05 15.95 -4.47
C ALA A 196 19.54 14.59 -4.94
N LEU A 197 18.71 13.96 -4.11
CA LEU A 197 18.11 12.66 -4.45
C LEU A 197 17.22 12.74 -5.69
N ALA A 198 16.60 13.91 -5.88
CA ALA A 198 15.75 14.17 -7.03
C ALA A 198 16.53 14.53 -8.30
N GLY A 199 17.86 14.56 -8.23
CA GLY A 199 18.69 14.87 -9.38
C GLY A 199 19.05 16.34 -9.53
N GLY A 200 18.96 17.10 -8.44
CA GLY A 200 19.31 18.49 -8.46
C GLY A 200 20.81 18.74 -8.34
N ASN A 201 21.26 19.81 -8.98
CA ASN A 201 22.60 20.34 -8.77
C ASN A 201 22.45 21.54 -7.84
N LEU A 202 22.62 21.27 -6.55
CA LEU A 202 22.43 22.29 -5.52
C LEU A 202 23.55 23.33 -5.61
N VAL A 203 23.18 24.60 -5.77
CA VAL A 203 24.17 25.60 -6.17
C VAL A 203 25.19 26.01 -5.10
N HIS A 204 24.82 25.93 -3.81
CA HIS A 204 25.70 26.31 -2.72
C HIS A 204 26.48 25.07 -2.21
N LYS A 205 27.79 25.08 -2.44
CA LYS A 205 28.65 23.91 -2.23
C LYS A 205 29.39 23.99 -0.89
N CYS A 206 29.05 23.08 0.01
CA CYS A 206 29.73 22.95 1.31
C CYS A 206 29.19 21.72 2.03
N VAL A 207 29.68 21.46 3.23
CA VAL A 207 29.16 20.37 4.08
C VAL A 207 28.57 20.98 5.34
N GLN A 208 27.35 20.59 5.66
CA GLN A 208 26.66 21.03 6.86
C GLN A 208 27.50 20.80 8.12
N ASN A 209 27.64 21.83 8.94
CA ASN A 209 28.38 21.70 10.21
C ASN A 209 27.65 22.24 11.42
N SER A 210 26.35 22.52 11.27
CA SER A 210 25.51 22.89 12.40
C SER A 210 24.20 22.12 12.25
N VAL A 211 23.52 21.85 13.35
CA VAL A 211 22.26 21.14 13.29
C VAL A 211 21.21 21.88 12.44
N VAL A 212 21.07 23.19 12.64
CA VAL A 212 20.00 23.92 11.95
C VAL A 212 20.30 24.25 10.49
N GLY A 213 21.57 24.23 10.08
CA GLY A 213 21.95 24.64 8.73
C GLY A 213 21.77 26.13 8.54
N LEU A 214 20.93 26.53 7.60
CA LEU A 214 20.64 27.95 7.33
C LEU A 214 21.92 28.77 7.06
N GLN A 215 22.64 28.36 6.02
CA GLN A 215 23.85 29.06 5.56
C GLN A 215 23.42 30.42 5.06
N GLU A 216 24.20 31.46 5.36
CA GLU A 216 23.87 32.81 4.90
C GLU A 216 24.42 33.06 3.50
N VAL A 217 23.57 33.57 2.61
N VAL A 217 23.57 33.54 2.60
CA VAL A 217 23.95 33.89 1.24
CA VAL A 217 24.00 33.90 1.24
C VAL A 217 23.35 35.26 0.87
C VAL A 217 23.34 35.23 0.83
N SER A 218 24.12 36.08 0.17
CA SER A 218 23.63 37.39 -0.27
C SER A 218 22.80 37.29 -1.56
N PHE A 219 22.00 38.32 -1.81
CA PHE A 219 21.26 38.44 -3.06
C PHE A 219 22.22 38.36 -4.25
N GLU A 220 23.37 39.02 -4.11
CA GLU A 220 24.35 39.10 -5.17
C GLU A 220 24.92 37.71 -5.51
N GLN A 221 25.10 36.89 -4.48
CA GLN A 221 25.55 35.51 -4.63
C GLN A 221 24.52 34.63 -5.35
N ILE A 222 23.25 34.82 -5.04
CA ILE A 222 22.17 34.05 -5.70
C ILE A 222 22.14 34.37 -7.19
N ILE A 223 22.30 35.65 -7.54
CA ILE A 223 22.42 36.05 -8.94
C ILE A 223 23.57 35.30 -9.62
N LEU A 224 24.73 35.25 -8.95
CA LEU A 224 25.89 34.54 -9.51
C LEU A 224 25.60 33.07 -9.72
N TYR A 225 24.91 32.45 -8.77
CA TYR A 225 24.57 31.03 -8.85
C TYR A 225 23.64 30.71 -10.03
N ASP A 226 22.82 31.68 -10.44
CA ASP A 226 21.98 31.55 -11.63
C ASP A 226 21.17 30.23 -11.63
N PRO A 227 20.37 29.99 -10.58
CA PRO A 227 19.65 28.71 -10.56
C PRO A 227 18.59 28.63 -11.66
N GLU A 228 18.32 27.43 -12.12
CA GLU A 228 17.26 27.19 -13.09
C GLU A 228 15.92 27.04 -12.40
N VAL A 229 15.94 26.44 -11.21
CA VAL A 229 14.74 26.27 -10.38
C VAL A 229 15.03 26.77 -8.96
N ILE A 230 14.02 27.40 -8.36
CA ILE A 230 14.11 27.80 -6.97
C ILE A 230 13.02 27.11 -6.17
N ILE A 231 13.43 26.41 -5.11
CA ILE A 231 12.51 25.75 -4.20
C ILE A 231 12.46 26.58 -2.92
N VAL A 232 11.24 26.98 -2.53
CA VAL A 232 11.01 27.96 -1.47
C VAL A 232 10.27 27.33 -0.29
N GLN A 233 10.75 27.59 0.92
CA GLN A 233 10.12 27.06 2.13
C GLN A 233 9.05 28.04 2.66
N ASN A 234 9.37 29.32 2.72
CA ASN A 234 8.51 30.28 3.42
C ASN A 234 7.52 30.98 2.48
N PRO A 235 6.22 30.91 2.81
CA PRO A 235 5.24 31.53 1.91
C PRO A 235 5.41 33.04 1.76
N THR A 236 5.93 33.74 2.78
CA THR A 236 6.16 35.20 2.64
C THR A 236 7.21 35.48 1.56
N PHE A 237 8.26 34.67 1.51
CA PHE A 237 9.25 34.85 0.48
C PHE A 237 8.69 34.51 -0.90
N TYR A 238 7.89 33.47 -0.99
CA TYR A 238 7.29 33.08 -2.27
C TYR A 238 6.47 34.23 -2.88
N LYS A 239 5.74 34.96 -2.06
CA LYS A 239 5.05 36.18 -2.53
C LYS A 239 6.05 37.28 -2.90
N THR A 240 7.00 37.53 -2.01
CA THR A 240 7.99 38.58 -2.21
C THR A 240 8.75 38.44 -3.53
N VAL A 241 9.17 37.22 -3.85
CA VAL A 241 10.04 36.98 -5.00
C VAL A 241 9.35 37.30 -6.34
N PHE A 242 8.01 37.28 -6.35
CA PHE A 242 7.23 37.70 -7.52
C PHE A 242 6.68 39.12 -7.45
N ARG A 243 6.69 39.71 -6.26
CA ARG A 243 6.22 41.09 -6.07
C ARG A 243 7.36 42.11 -6.24
N GLU A 244 8.51 41.86 -5.61
CA GLU A 244 9.64 42.81 -5.65
C GLU A 244 10.42 42.72 -6.97
N LYS A 245 10.59 43.88 -7.61
CA LYS A 245 11.20 43.97 -8.94
C LYS A 245 12.62 43.38 -9.05
N LYS A 246 13.43 43.53 -8.01
CA LYS A 246 14.84 43.13 -8.09
C LYS A 246 15.04 41.63 -8.35
N TRP A 247 14.10 40.81 -7.93
CA TRP A 247 14.22 39.36 -8.16
C TRP A 247 13.98 38.96 -9.61
N ALA A 248 13.40 39.85 -10.41
CA ALA A 248 13.16 39.58 -11.83
C ALA A 248 14.46 39.45 -12.64
N VAL A 249 15.60 39.83 -12.06
CA VAL A 249 16.89 39.56 -12.70
C VAL A 249 17.15 38.06 -12.91
N LEU A 250 16.55 37.23 -12.07
CA LEU A 250 16.78 35.79 -12.10
C LEU A 250 15.96 35.12 -13.20
N LYS A 251 16.61 34.27 -14.00
CA LYS A 251 15.91 33.54 -15.06
C LYS A 251 14.83 32.60 -14.48
N ALA A 252 15.08 32.00 -13.32
CA ALA A 252 14.08 31.15 -12.69
C ALA A 252 12.80 31.94 -12.43
N VAL A 253 12.95 33.21 -12.05
CA VAL A 253 11.81 34.07 -11.75
C VAL A 253 11.07 34.45 -13.05
N GLN A 254 11.83 34.82 -14.08
CA GLN A 254 11.30 35.05 -15.42
C GLN A 254 10.50 33.86 -15.95
N ASN A 255 11.03 32.66 -15.76
CA ASN A 255 10.38 31.44 -16.22
C ASN A 255 9.33 30.88 -15.24
N LYS A 256 9.14 31.56 -14.10
CA LYS A 256 8.18 31.13 -13.08
C LYS A 256 8.49 29.72 -12.54
N LYS A 257 9.76 29.36 -12.53
CA LYS A 257 10.21 28.07 -12.01
C LYS A 257 10.64 28.24 -10.54
N VAL A 258 9.68 28.67 -9.74
CA VAL A 258 9.83 28.92 -8.31
C VAL A 258 8.65 28.23 -7.64
N TYR A 259 8.91 27.32 -6.69
CA TYR A 259 7.85 26.47 -6.15
C TYR A 259 7.90 26.40 -4.63
N LEU A 260 6.72 26.53 -4.02
CA LEU A 260 6.58 26.54 -2.57
C LEU A 260 6.38 25.11 -2.08
N VAL A 261 7.19 24.69 -1.11
CA VAL A 261 7.12 23.33 -0.59
C VAL A 261 5.81 23.12 0.16
N PRO A 262 5.02 22.07 -0.19
CA PRO A 262 3.83 21.73 0.59
C PRO A 262 4.12 21.30 2.02
N LYS A 263 3.17 21.58 2.90
CA LYS A 263 3.37 21.45 4.33
C LYS A 263 2.28 20.69 5.08
N SER A 264 1.26 20.20 4.35
CA SER A 264 0.07 19.64 4.97
C SER A 264 0.01 18.12 4.87
N PRO A 265 0.06 17.42 6.03
CA PRO A 265 0.18 17.89 7.40
C PRO A 265 1.64 17.98 7.89
N PHE A 266 2.56 17.34 7.16
CA PHE A 266 3.97 17.38 7.47
C PHE A 266 4.70 17.93 6.24
N ASN A 267 5.78 18.66 6.47
CA ASN A 267 6.57 19.23 5.38
C ASN A 267 7.10 18.16 4.43
N TRP A 268 6.98 18.39 3.12
CA TRP A 268 7.38 17.41 2.13
C TRP A 268 8.90 17.25 1.98
N THR A 269 9.70 18.22 2.43
CA THR A 269 11.16 18.15 2.19
C THR A 269 12.10 18.41 3.37
N ASP A 270 11.64 19.12 4.42
CA ASP A 270 12.54 19.61 5.47
C ASP A 270 11.76 20.18 6.66
N ARG A 271 12.42 20.32 7.81
CA ARG A 271 11.83 21.03 8.96
C ARG A 271 10.53 20.36 9.42
N PRO A 272 10.57 19.04 9.66
CA PRO A 272 11.73 18.16 9.69
C PRO A 272 12.03 17.37 8.42
N PRO A 273 13.29 16.90 8.28
CA PRO A 273 13.57 15.78 7.40
C PRO A 273 12.70 14.61 7.86
N SER A 274 12.06 13.91 6.95
CA SER A 274 11.21 12.78 7.32
C SER A 274 10.90 11.89 6.13
N PHE A 275 10.21 10.80 6.43
CA PHE A 275 9.70 9.87 5.43
C PHE A 275 8.85 10.55 4.33
N MSE A 276 8.32 11.74 4.59
CA MSE A 276 7.57 12.48 3.56
C MSE A 276 8.39 12.68 2.30
O MSE A 276 7.83 12.88 1.21
CB MSE A 276 7.16 13.87 4.05
CG MSE A 276 6.18 13.87 5.22
SE MSE A 276 4.44 13.07 4.76
CE MSE A 276 3.80 14.41 3.46
N ARG A 277 9.72 12.62 2.43
CA ARG A 277 10.64 12.74 1.29
C ARG A 277 10.46 11.67 0.22
N ILE A 278 9.92 10.51 0.64
CA ILE A 278 9.51 9.48 -0.30
C ILE A 278 8.65 10.07 -1.43
N LEU A 279 7.74 10.97 -1.06
CA LEU A 279 6.90 11.68 -2.02
C LEU A 279 7.54 13.01 -2.42
N GLY A 280 8.08 13.73 -1.45
CA GLY A 280 8.66 15.05 -1.69
C GLY A 280 9.76 15.08 -2.73
N ALA A 281 10.60 14.04 -2.75
CA ALA A 281 11.68 13.98 -3.74
C ALA A 281 11.11 13.78 -5.15
N HIS A 282 10.01 13.06 -5.26
CA HIS A 282 9.31 12.95 -6.56
C HIS A 282 8.73 14.29 -6.98
N TRP A 283 8.10 14.98 -6.05
CA TRP A 283 7.59 16.33 -6.32
C TRP A 283 8.71 17.25 -6.81
N ILE A 284 9.84 17.24 -6.11
CA ILE A 284 11.03 17.99 -6.55
C ILE A 284 11.47 17.58 -7.97
N ALA A 285 11.57 16.28 -8.23
CA ALA A 285 11.97 15.80 -9.56
C ALA A 285 11.05 16.30 -10.67
N SER A 286 9.75 16.33 -10.38
CA SER A 286 8.74 16.82 -11.31
C SER A 286 8.96 18.29 -11.65
N LYS A 287 9.47 19.06 -10.69
CA LYS A 287 9.77 20.47 -10.92
C LYS A 287 11.12 20.69 -11.59
N LEU A 288 12.11 19.86 -11.27
CA LEU A 288 13.44 19.95 -11.90
C LEU A 288 13.45 19.48 -13.37
N TYR A 289 12.59 18.53 -13.69
CA TYR A 289 12.57 17.85 -14.98
C TYR A 289 11.15 17.79 -15.53
N PRO A 290 10.56 18.96 -15.82
CA PRO A 290 9.15 19.00 -16.24
C PRO A 290 8.86 18.24 -17.53
N THR A 291 9.85 18.13 -18.42
CA THR A 291 9.66 17.39 -19.66
C THR A 291 10.11 15.93 -19.58
N ARG A 292 11.10 15.63 -18.73
CA ARG A 292 11.65 14.27 -18.65
C ARG A 292 11.00 13.41 -17.56
N TYR A 293 10.50 14.02 -16.50
CA TYR A 293 9.93 13.25 -15.38
C TYR A 293 8.76 12.39 -15.90
N PRO A 294 8.87 11.07 -15.80
CA PRO A 294 7.93 10.19 -16.50
C PRO A 294 6.67 9.76 -15.74
N TYR A 295 6.50 10.19 -14.49
CA TYR A 295 5.33 9.79 -13.69
C TYR A 295 4.29 10.89 -13.60
N LYS A 296 3.11 10.55 -13.09
CA LYS A 296 2.05 11.51 -12.84
C LYS A 296 2.08 11.84 -11.36
N ILE A 297 2.62 13.00 -11.04
CA ILE A 297 2.86 13.39 -9.65
C ILE A 297 1.58 13.42 -8.85
N GLU A 298 0.51 13.95 -9.44
CA GLU A 298 -0.78 14.00 -8.74
C GLU A 298 -1.29 12.62 -8.32
N ASP A 299 -1.03 11.59 -9.13
CA ASP A 299 -1.41 10.22 -8.78
C ASP A 299 -0.53 9.62 -7.66
N LYS A 300 0.76 9.96 -7.68
CA LYS A 300 1.64 9.57 -6.56
C LYS A 300 1.21 10.21 -5.24
N VAL A 301 0.83 11.49 -5.28
CA VAL A 301 0.33 12.16 -4.08
C VAL A 301 -0.89 11.41 -3.55
N LYS A 302 -1.83 11.08 -4.45
CA LYS A 302 -3.06 10.42 -4.04
C LYS A 302 -2.80 9.06 -3.41
N ALA A 303 -1.95 8.25 -4.04
CA ALA A 303 -1.62 6.93 -3.51
C ALA A 303 -0.87 7.01 -2.19
N PHE A 304 0.07 7.94 -2.10
CA PHE A 304 0.85 8.11 -0.89
C PHE A 304 -0.03 8.53 0.29
N TYR A 305 -0.91 9.50 0.08
CA TYR A 305 -1.78 9.99 1.14
C TYR A 305 -2.79 8.94 1.58
N GLN A 306 -3.24 8.12 0.63
CA GLN A 306 -4.20 7.07 0.94
C GLN A 306 -3.62 6.06 1.90
N LEU A 307 -2.42 5.60 1.62
CA LEU A 307 -1.77 4.54 2.40
C LEU A 307 -1.19 5.10 3.71
N PHE A 308 -0.42 6.18 3.60
CA PHE A 308 0.28 6.73 4.77
C PHE A 308 -0.66 7.41 5.77
N PHE A 309 -1.66 8.14 5.27
CA PHE A 309 -2.53 8.94 6.14
C PHE A 309 -3.98 8.43 6.19
N GLY A 310 -4.35 7.52 5.30
CA GLY A 310 -5.73 7.05 5.23
C GLY A 310 -6.67 8.12 4.72
N VAL A 311 -6.17 9.00 3.86
CA VAL A 311 -6.92 10.17 3.41
C VAL A 311 -7.08 10.15 1.90
N GLU A 312 -8.31 10.35 1.43
CA GLU A 312 -8.63 10.45 0.01
C GLU A 312 -8.61 11.91 -0.38
N LEU A 313 -7.93 12.23 -1.46
CA LEU A 313 -7.79 13.59 -1.91
C LEU A 313 -8.59 13.81 -3.18
N SER A 314 -9.45 14.82 -3.18
CA SER A 314 -10.16 15.24 -4.39
C SER A 314 -9.20 16.07 -5.25
N ASN A 315 -9.61 16.33 -6.50
CA ASN A 315 -8.82 17.22 -7.35
C ASN A 315 -8.75 18.64 -6.79
N GLU A 316 -9.83 19.09 -6.14
CA GLU A 316 -9.82 20.38 -5.48
C GLU A 316 -8.85 20.40 -4.29
N ASP A 317 -8.78 19.31 -3.54
CA ASP A 317 -7.81 19.19 -2.44
C ASP A 317 -6.38 19.30 -2.94
N LEU A 318 -6.10 18.68 -4.09
CA LEU A 318 -4.76 18.70 -4.65
C LEU A 318 -4.36 20.12 -5.01
N LYS A 319 -5.31 20.88 -5.53
CA LYS A 319 -5.10 22.29 -5.86
C LYS A 319 -4.90 23.09 -4.57
N THR A 320 -5.83 22.95 -3.64
CA THR A 320 -5.86 23.73 -2.40
C THR A 320 -4.61 23.54 -1.55
N TYR A 321 -4.26 22.29 -1.26
CA TYR A 321 -3.14 22.02 -0.36
C TYR A 321 -1.77 21.98 -1.05
N PHE A 322 -1.73 21.61 -2.33
CA PHE A 322 -0.46 21.27 -2.99
C PHE A 322 -0.19 21.93 -4.35
N LYS A 323 -1.15 22.70 -4.87
CA LYS A 323 -1.04 23.32 -6.19
C LYS A 323 -0.76 22.28 -7.28
N LEU A 324 -1.44 21.15 -7.18
CA LEU A 324 -1.31 20.08 -8.15
C LEU A 324 -2.69 19.72 -8.69
N SER B 3 2.26 3.12 -27.09
CA SER B 3 1.88 3.66 -25.75
C SER B 3 0.44 3.33 -25.39
N ARG B 4 -0.46 3.52 -26.36
CA ARG B 4 -1.86 3.12 -26.22
C ARG B 4 -2.18 1.91 -27.08
N THR B 5 -1.13 1.18 -27.50
CA THR B 5 -1.26 0.02 -28.35
C THR B 5 -1.15 -1.23 -27.49
N PHE B 6 -2.14 -2.11 -27.60
CA PHE B 6 -2.18 -3.34 -26.85
C PHE B 6 -2.54 -4.48 -27.78
N LEU B 7 -2.06 -5.67 -27.46
CA LEU B 7 -2.43 -6.87 -28.19
C LEU B 7 -3.79 -7.35 -27.70
N ASP B 8 -4.74 -7.50 -28.64
CA ASP B 8 -6.10 -7.90 -28.28
C ASP B 8 -6.18 -9.41 -28.08
N VAL B 9 -7.40 -9.92 -27.93
CA VAL B 9 -7.65 -11.35 -27.68
C VAL B 9 -7.10 -12.28 -28.76
N SER B 10 -7.07 -11.81 -30.01
CA SER B 10 -6.52 -12.56 -31.16
C SER B 10 -5.04 -12.28 -31.39
N ASN B 11 -4.39 -11.61 -30.44
CA ASN B 11 -3.01 -11.16 -30.57
C ASN B 11 -2.80 -10.12 -31.69
N LYS B 12 -3.87 -9.39 -32.04
CA LYS B 12 -3.77 -8.29 -32.99
C LYS B 12 -3.53 -6.97 -32.24
N PRO B 13 -2.64 -6.11 -32.77
CA PRO B 13 -2.44 -4.82 -32.15
C PRO B 13 -3.65 -3.91 -32.34
N ILE B 14 -4.15 -3.34 -31.24
CA ILE B 14 -5.23 -2.37 -31.30
C ILE B 14 -4.79 -1.12 -30.56
N VAL B 15 -5.45 -0.01 -30.87
CA VAL B 15 -5.13 1.28 -30.28
C VAL B 15 -6.33 1.76 -29.45
N LEU B 16 -6.12 1.89 -28.15
CA LEU B 16 -7.17 2.39 -27.26
C LEU B 16 -7.13 3.91 -27.15
N PRO B 17 -8.28 4.53 -26.82
CA PRO B 17 -8.31 5.95 -26.54
C PRO B 17 -7.35 6.33 -25.42
N GLU B 18 -6.95 7.59 -25.39
CA GLU B 18 -6.01 8.09 -24.40
C GLU B 18 -6.57 7.87 -22.99
N HIS B 19 -7.81 8.27 -22.79
CA HIS B 19 -8.46 8.10 -21.49
C HIS B 19 -9.67 7.19 -21.59
N ILE B 20 -9.59 6.06 -20.89
CA ILE B 20 -10.69 5.11 -20.82
C ILE B 20 -11.66 5.67 -19.80
N THR B 21 -12.84 6.08 -20.25
CA THR B 21 -13.86 6.58 -19.35
C THR B 21 -14.96 5.53 -19.11
N ARG B 22 -15.00 4.49 -19.95
CA ARG B 22 -16.03 3.46 -19.88
C ARG B 22 -15.36 2.11 -20.12
N ILE B 23 -15.57 1.17 -19.21
CA ILE B 23 -14.93 -0.14 -19.33
C ILE B 23 -15.89 -1.23 -18.88
N TYR B 24 -15.77 -2.40 -19.50
CA TYR B 24 -16.55 -3.57 -19.12
C TYR B 24 -15.66 -4.76 -18.81
N GLY B 25 -15.85 -5.35 -17.63
CA GLY B 25 -15.21 -6.62 -17.27
C GLY B 25 -16.16 -7.75 -17.59
N SER B 26 -15.64 -8.80 -18.22
CA SER B 26 -16.48 -9.86 -18.78
C SER B 26 -16.99 -10.89 -17.75
N ALA B 27 -16.50 -10.81 -16.52
CA ALA B 27 -16.84 -11.79 -15.48
C ALA B 27 -16.46 -11.24 -14.12
N PRO B 28 -17.07 -11.76 -13.04
CA PRO B 28 -16.79 -11.17 -11.73
C PRO B 28 -15.32 -11.07 -11.30
N PRO B 29 -14.47 -12.07 -11.63
CA PRO B 29 -13.06 -11.84 -11.26
C PRO B 29 -12.51 -10.54 -11.85
N ILE B 30 -12.98 -10.18 -13.04
CA ILE B 30 -12.45 -9.01 -13.74
C ILE B 30 -13.10 -7.74 -13.23
N SER B 31 -14.42 -7.73 -13.12
CA SER B 31 -15.12 -6.54 -12.60
C SER B 31 -14.73 -6.22 -11.15
N PHE B 32 -14.50 -7.25 -10.32
CA PHE B 32 -14.02 -7.03 -8.94
C PHE B 32 -12.63 -6.36 -8.91
N MSE B 33 -11.74 -6.79 -9.80
CA MSE B 33 -10.39 -6.23 -9.86
C MSE B 33 -10.41 -4.81 -10.38
O MSE B 33 -9.70 -3.93 -9.85
CB MSE B 33 -9.55 -7.14 -10.76
CG MSE B 33 -8.15 -6.63 -11.03
SE MSE B 33 -7.05 -8.14 -11.67
CE MSE B 33 -8.31 -8.95 -12.93
N ILE B 34 -11.24 -4.55 -11.39
CA ILE B 34 -11.43 -3.20 -11.86
C ILE B 34 -11.94 -2.31 -10.75
N TYR B 35 -12.90 -2.82 -9.95
CA TYR B 35 -13.43 -2.05 -8.82
C TYR B 35 -12.30 -1.46 -7.94
N VAL B 36 -11.38 -2.32 -7.48
CA VAL B 36 -10.35 -1.86 -6.56
C VAL B 36 -9.33 -0.91 -7.18
N ILE B 37 -9.18 -0.97 -8.51
CA ILE B 37 -8.35 0.00 -9.21
C ILE B 37 -9.11 1.32 -9.28
N ASP B 38 -10.26 1.33 -9.96
CA ASP B 38 -11.12 2.52 -10.02
C ASP B 38 -12.49 2.11 -10.54
N ASP B 39 -13.53 2.30 -9.74
CA ASP B 39 -14.88 1.90 -10.14
C ASP B 39 -15.53 2.89 -11.12
N THR B 40 -15.00 4.10 -11.18
CA THR B 40 -15.60 5.18 -11.96
C THR B 40 -16.00 4.79 -13.40
N PRO B 41 -15.11 4.17 -14.18
CA PRO B 41 -15.50 3.84 -15.56
C PRO B 41 -16.31 2.55 -15.79
N LEU B 42 -16.54 1.73 -14.77
CA LEU B 42 -17.31 0.48 -14.96
C LEU B 42 -18.73 0.75 -15.46
N ILE B 43 -19.10 0.13 -16.57
CA ILE B 43 -20.46 0.31 -17.13
C ILE B 43 -21.49 -0.58 -16.42
N GLY B 44 -21.03 -1.60 -15.72
CA GLY B 44 -21.93 -2.53 -15.08
C GLY B 44 -21.20 -3.65 -14.38
N VAL B 45 -21.94 -4.47 -13.66
CA VAL B 45 -21.42 -5.67 -13.01
C VAL B 45 -21.91 -6.90 -13.76
N ASN B 46 -21.39 -8.08 -13.39
CA ASN B 46 -21.70 -9.32 -14.11
C ASN B 46 -22.76 -10.16 -13.41
N SER B 47 -22.86 -9.96 -12.10
CA SER B 47 -23.75 -10.70 -11.22
C SER B 47 -24.24 -9.74 -10.14
N PRO B 48 -25.35 -10.06 -9.45
CA PRO B 48 -25.78 -9.20 -8.34
C PRO B 48 -24.67 -8.93 -7.33
N GLN B 49 -24.57 -7.68 -6.89
CA GLN B 49 -23.52 -7.27 -5.97
C GLN B 49 -23.63 -7.99 -4.62
N THR B 50 -24.83 -8.43 -4.28
CA THR B 50 -25.08 -9.25 -3.09
C THR B 50 -25.64 -10.58 -3.58
N ASN B 51 -24.98 -11.67 -3.24
CA ASN B 51 -25.44 -12.99 -3.65
C ASN B 51 -25.03 -14.04 -2.60
N LYS B 52 -25.20 -15.31 -2.94
CA LYS B 52 -24.89 -16.41 -2.01
C LYS B 52 -23.42 -16.41 -1.54
N ASP B 53 -22.53 -15.93 -2.38
CA ASP B 53 -21.08 -16.04 -2.19
C ASP B 53 -20.38 -14.72 -1.83
N ASN B 54 -21.12 -13.61 -1.91
CA ASN B 54 -20.55 -12.28 -1.72
C ASN B 54 -21.59 -11.44 -0.98
N ASN B 55 -21.22 -10.94 0.21
N ASN B 55 -21.25 -10.89 0.17
CA ASN B 55 -22.14 -10.38 1.21
CA ASN B 55 -22.24 -10.23 1.01
C ASN B 55 -21.69 -9.01 1.73
C ASN B 55 -21.71 -9.00 1.71
N ASN B 56 -22.63 -8.24 2.30
CA ASN B 56 -22.31 -7.02 3.04
C ASN B 56 -21.60 -5.94 2.24
N GLY B 57 -21.83 -5.94 0.92
CA GLY B 57 -21.16 -5.01 0.02
C GLY B 57 -21.37 -3.56 0.38
N GLU B 58 -22.57 -3.22 0.83
CA GLU B 58 -22.88 -1.83 1.17
C GLU B 58 -21.98 -1.28 2.28
N LYS B 59 -21.46 -2.16 3.14
CA LYS B 59 -20.54 -1.74 4.20
C LYS B 59 -19.10 -1.49 3.72
N PHE B 60 -18.71 -2.07 2.58
CA PHE B 60 -17.31 -2.03 2.14
C PHE B 60 -17.07 -1.37 0.78
N LEU B 61 -18.12 -1.26 -0.04
CA LEU B 61 -17.99 -0.84 -1.44
C LEU B 61 -18.70 0.49 -1.69
N SER B 62 -18.23 1.23 -2.68
CA SER B 62 -18.87 2.52 -3.03
C SER B 62 -20.35 2.37 -3.40
N LYS B 63 -21.15 3.36 -3.03
CA LYS B 63 -22.56 3.42 -3.44
C LYS B 63 -22.70 3.31 -4.97
N HIS B 64 -21.79 3.92 -5.70
CA HIS B 64 -21.79 3.88 -7.17
C HIS B 64 -21.71 2.44 -7.69
N PHE B 65 -20.79 1.66 -7.12
CA PHE B 65 -20.65 0.26 -7.52
C PHE B 65 -21.93 -0.52 -7.22
N MSE B 66 -22.49 -0.28 -6.03
CA MSE B 66 -23.67 -1.01 -5.57
C MSE B 66 -24.89 -0.69 -6.39
O MSE B 66 -25.84 -1.44 -6.37
CB MSE B 66 -23.97 -0.74 -4.09
CG MSE B 66 -22.84 -1.16 -3.15
SE MSE B 66 -22.57 -3.11 -3.18
CE MSE B 66 -24.37 -3.69 -2.58
N GLU B 67 -24.88 0.44 -7.10
CA GLU B 67 -26.02 0.84 -7.93
C GLU B 67 -25.88 0.49 -9.42
N LEU B 68 -24.75 -0.11 -9.80
CA LEU B 68 -24.52 -0.46 -11.20
C LEU B 68 -25.49 -1.54 -11.68
N PRO B 69 -25.87 -1.49 -12.96
CA PRO B 69 -26.73 -2.53 -13.52
C PRO B 69 -25.95 -3.82 -13.75
N ILE B 70 -26.68 -4.92 -13.78
CA ILE B 70 -26.12 -6.23 -14.07
C ILE B 70 -26.21 -6.43 -15.59
N LEU B 71 -25.08 -6.67 -16.23
CA LEU B 71 -25.04 -6.86 -17.70
C LEU B 71 -24.69 -8.28 -18.12
N GLY B 72 -24.56 -9.17 -17.14
CA GLY B 72 -24.15 -10.53 -17.41
C GLY B 72 -22.69 -10.57 -17.79
N GLY B 73 -22.28 -11.71 -18.33
CA GLY B 73 -20.90 -11.96 -18.74
C GLY B 73 -20.70 -13.40 -19.19
N TRP B 74 -19.45 -13.75 -19.49
CA TRP B 74 -19.05 -15.13 -19.80
C TRP B 74 -18.44 -15.74 -18.55
N HIS B 75 -19.28 -16.41 -17.77
CA HIS B 75 -18.86 -17.05 -16.53
C HIS B 75 -19.97 -18.01 -16.11
N GLY B 76 -19.62 -18.99 -15.29
CA GLY B 76 -20.56 -20.03 -14.88
C GLY B 76 -21.35 -20.54 -16.07
N ASN B 77 -22.68 -20.60 -15.93
CA ASN B 77 -23.58 -20.95 -17.04
C ASN B 77 -24.21 -19.71 -17.69
N ASN B 78 -23.60 -18.55 -17.45
CA ASN B 78 -24.20 -17.27 -17.79
C ASN B 78 -23.86 -16.81 -19.20
N ILE B 79 -24.65 -15.85 -19.70
CA ILE B 79 -24.42 -15.20 -20.99
C ILE B 79 -24.52 -13.66 -20.85
N PRO B 80 -23.83 -12.92 -21.72
CA PRO B 80 -23.86 -11.48 -21.59
C PRO B 80 -25.09 -10.87 -22.26
N ASN B 81 -25.49 -9.68 -21.80
CA ASN B 81 -26.45 -8.86 -22.54
C ASN B 81 -25.68 -8.01 -23.56
N LEU B 82 -25.47 -8.61 -24.73
CA LEU B 82 -24.59 -8.02 -25.75
C LEU B 82 -25.07 -6.66 -26.26
N GLU B 83 -26.39 -6.52 -26.42
CA GLU B 83 -26.96 -5.28 -26.92
C GLU B 83 -26.80 -4.14 -25.91
N ALA B 84 -27.04 -4.44 -24.63
CA ALA B 84 -26.82 -3.45 -23.56
C ALA B 84 -25.35 -3.06 -23.43
N ILE B 85 -24.47 -4.05 -23.55
CA ILE B 85 -23.04 -3.80 -23.48
C ILE B 85 -22.64 -2.89 -24.62
N LEU B 86 -23.10 -3.22 -25.82
CA LEU B 86 -22.83 -2.39 -26.99
C LEU B 86 -23.41 -0.98 -26.79
N ALA B 87 -24.64 -0.90 -26.29
CA ALA B 87 -25.28 0.40 -26.02
C ALA B 87 -24.51 1.23 -24.99
N ALA B 88 -23.88 0.57 -24.04
CA ALA B 88 -23.15 1.26 -22.97
C ALA B 88 -21.85 1.86 -23.49
N LYS B 89 -21.40 1.41 -24.65
CA LYS B 89 -20.24 1.98 -25.32
C LYS B 89 -19.00 1.94 -24.44
N PRO B 90 -18.64 0.75 -23.93
CA PRO B 90 -17.33 0.68 -23.28
C PRO B 90 -16.22 0.93 -24.29
N ASP B 91 -15.16 1.63 -23.87
CA ASP B 91 -13.97 1.84 -24.71
C ASP B 91 -13.19 0.55 -24.90
N VAL B 92 -13.29 -0.37 -23.94
CA VAL B 92 -12.62 -1.65 -24.04
C VAL B 92 -13.34 -2.69 -23.17
N ILE B 93 -13.27 -3.95 -23.60
CA ILE B 93 -13.74 -5.08 -22.84
C ILE B 93 -12.52 -5.84 -22.34
N ILE B 94 -12.50 -6.14 -21.05
CA ILE B 94 -11.45 -6.97 -20.45
C ILE B 94 -12.03 -8.34 -20.15
N THR B 95 -11.43 -9.38 -20.73
CA THR B 95 -11.93 -10.74 -20.58
C THR B 95 -11.02 -11.60 -19.73
N TRP B 96 -11.59 -12.70 -19.27
CA TRP B 96 -10.92 -13.71 -18.46
C TRP B 96 -10.34 -14.78 -19.37
N ASP B 97 -9.01 -14.88 -19.38
CA ASP B 97 -8.27 -15.81 -20.26
C ASP B 97 -8.11 -17.13 -19.54
N THR B 98 -9.04 -18.05 -19.78
CA THR B 98 -8.97 -19.38 -19.19
C THR B 98 -9.63 -20.37 -20.16
N PRO B 99 -8.99 -21.55 -20.37
CA PRO B 99 -9.42 -22.44 -21.46
C PRO B 99 -10.90 -22.79 -21.51
N LEU B 100 -11.52 -23.04 -20.36
CA LEU B 100 -12.93 -23.46 -20.37
C LEU B 100 -13.89 -22.35 -20.79
N LEU B 101 -13.44 -21.09 -20.79
CA LEU B 101 -14.28 -19.96 -21.20
C LEU B 101 -13.90 -19.32 -22.53
N ASN B 102 -12.71 -19.62 -23.05
CA ASN B 102 -12.18 -18.88 -24.19
C ASN B 102 -12.98 -19.01 -25.49
N GLU B 103 -13.54 -20.19 -25.76
N GLU B 103 -13.53 -20.19 -25.77
CA GLU B 103 -14.30 -20.41 -26.99
CA GLU B 103 -14.31 -20.38 -27.03
C GLU B 103 -15.58 -19.57 -27.01
C GLU B 103 -15.60 -19.57 -27.03
N LYS B 104 -16.39 -19.73 -25.98
CA LYS B 104 -17.65 -18.99 -25.81
C LYS B 104 -17.41 -17.46 -25.83
N THR B 105 -16.33 -17.01 -25.19
CA THR B 105 -15.93 -15.61 -25.22
C THR B 105 -15.55 -15.15 -26.64
N ALA B 106 -14.69 -15.92 -27.29
CA ALA B 106 -14.22 -15.60 -28.65
C ALA B 106 -15.37 -15.53 -29.67
N LYS B 107 -16.30 -16.47 -29.59
CA LYS B 107 -17.49 -16.48 -30.45
C LYS B 107 -18.32 -15.20 -30.34
N ASP B 108 -18.57 -14.77 -29.11
CA ASP B 108 -19.35 -13.56 -28.90
C ASP B 108 -18.56 -12.28 -29.20
N LEU B 109 -17.25 -12.25 -28.94
CA LEU B 109 -16.45 -11.06 -29.27
C LEU B 109 -16.44 -10.80 -30.79
N ALA B 110 -16.57 -11.86 -31.59
CA ALA B 110 -16.72 -11.72 -33.04
C ALA B 110 -18.04 -11.07 -33.46
N ARG B 111 -18.93 -10.82 -32.49
CA ARG B 111 -20.23 -10.21 -32.76
C ARG B 111 -20.40 -8.75 -32.32
N ILE B 112 -19.39 -8.13 -31.70
CA ILE B 112 -19.58 -6.80 -31.08
C ILE B 112 -18.86 -5.64 -31.80
N SER B 113 -17.59 -5.83 -32.11
CA SER B 113 -16.72 -4.77 -32.66
C SER B 113 -16.39 -3.68 -31.62
N ILE B 114 -16.14 -4.11 -30.39
CA ILE B 114 -15.50 -3.29 -29.36
C ILE B 114 -14.15 -3.97 -29.08
N PRO B 115 -13.06 -3.19 -28.99
CA PRO B 115 -11.77 -3.77 -28.62
C PRO B 115 -11.83 -4.60 -27.34
N ALA B 116 -11.19 -5.76 -27.34
CA ALA B 116 -11.17 -6.64 -26.17
C ALA B 116 -9.77 -7.18 -25.90
N LEU B 117 -9.41 -7.14 -24.61
CA LEU B 117 -8.16 -7.67 -24.09
C LEU B 117 -8.49 -8.85 -23.19
N LYS B 118 -7.52 -9.69 -22.91
CA LYS B 118 -7.72 -10.80 -22.00
C LYS B 118 -6.60 -10.87 -20.98
N VAL B 119 -6.93 -11.29 -19.76
CA VAL B 119 -5.92 -11.42 -18.70
C VAL B 119 -5.98 -12.82 -18.12
N ASN B 120 -4.80 -13.37 -17.88
CA ASN B 120 -4.65 -14.71 -17.33
C ASN B 120 -4.40 -14.64 -15.83
N ILE B 121 -5.43 -14.97 -15.06
CA ILE B 121 -5.41 -14.81 -13.61
C ILE B 121 -5.53 -16.14 -12.86
N ASP B 122 -5.44 -17.25 -13.58
CA ASP B 122 -5.67 -18.56 -12.95
C ASP B 122 -4.64 -18.88 -11.89
N ASP B 123 -3.37 -18.63 -12.21
CA ASP B 123 -2.31 -18.71 -11.22
C ASP B 123 -2.29 -17.38 -10.48
N SER B 124 -2.58 -17.43 -9.17
CA SER B 124 -2.61 -16.21 -8.36
C SER B 124 -1.30 -15.42 -8.34
N GLN B 125 -0.18 -16.09 -8.60
N GLN B 125 -0.18 -16.10 -8.59
CA GLN B 125 1.12 -15.42 -8.68
CA GLN B 125 1.12 -15.43 -8.70
C GLN B 125 1.13 -14.39 -9.81
C GLN B 125 1.14 -14.41 -9.83
N ASN B 126 0.19 -14.52 -10.77
CA ASN B 126 0.07 -13.57 -11.87
C ASN B 126 -0.55 -12.24 -11.48
N TYR B 127 -1.17 -12.14 -10.30
CA TYR B 127 -1.92 -10.94 -9.97
C TYR B 127 -1.13 -9.61 -10.04
N PRO B 128 0.13 -9.58 -9.55
CA PRO B 128 0.86 -8.32 -9.65
C PRO B 128 1.03 -7.80 -11.09
N GLU B 129 1.44 -8.67 -12.01
CA GLU B 129 1.60 -8.22 -13.39
C GLU B 129 0.26 -7.89 -14.05
N VAL B 130 -0.81 -8.60 -13.69
CA VAL B 130 -2.13 -8.29 -14.23
C VAL B 130 -2.61 -6.91 -13.73
N PHE B 131 -2.44 -6.64 -12.44
CA PHE B 131 -2.74 -5.31 -11.90
C PHE B 131 -1.97 -4.19 -12.63
N ARG B 132 -0.67 -4.38 -12.81
CA ARG B 132 0.16 -3.39 -13.49
C ARG B 132 -0.30 -3.15 -14.93
N TYR B 133 -0.65 -4.23 -15.61
CA TYR B 133 -1.19 -4.17 -16.98
C TYR B 133 -2.50 -3.40 -17.04
N LEU B 134 -3.44 -3.70 -16.13
CA LEU B 134 -4.70 -2.97 -16.12
C LEU B 134 -4.48 -1.49 -15.76
N GLY B 135 -3.49 -1.23 -14.91
CA GLY B 135 -3.07 0.13 -14.62
C GLY B 135 -2.73 0.90 -15.89
N ARG B 136 -1.95 0.28 -16.78
N ARG B 136 -1.93 0.27 -16.77
CA ARG B 136 -1.57 0.92 -18.05
CA ARG B 136 -1.56 0.85 -18.06
C ARG B 136 -2.77 1.09 -18.99
C ARG B 136 -2.80 1.10 -18.94
N VAL B 137 -3.66 0.09 -19.02
CA VAL B 137 -4.87 0.16 -19.84
C VAL B 137 -5.77 1.33 -19.41
N MSE B 138 -6.00 1.42 -18.10
CA MSE B 138 -6.93 2.40 -17.53
C MSE B 138 -6.30 3.74 -17.23
O MSE B 138 -7.01 4.67 -16.83
CB MSE B 138 -7.46 1.77 -16.22
CG MSE B 138 -8.26 0.49 -16.46
SE MSE B 138 -8.88 -0.32 -14.77
CE MSE B 138 -9.99 1.20 -14.19
N GLN B 139 -4.99 3.87 -17.40
CA GLN B 139 -4.23 5.06 -16.96
C GLN B 139 -4.42 5.34 -15.46
N LYS B 140 -4.32 4.28 -14.66
CA LYS B 140 -4.40 4.36 -13.21
C LYS B 140 -3.18 3.61 -12.69
N GLU B 141 -2.02 4.03 -13.18
CA GLU B 141 -0.79 3.30 -12.96
C GLU B 141 -0.36 3.31 -11.49
N GLU B 142 -0.43 4.46 -10.83
CA GLU B 142 0.06 4.54 -9.45
C GLU B 142 -0.83 3.74 -8.52
N ARG B 143 -2.14 3.79 -8.75
CA ARG B 143 -3.07 3.00 -7.95
C ARG B 143 -2.83 1.51 -8.18
N ALA B 144 -2.76 1.12 -9.44
CA ALA B 144 -2.60 -0.28 -9.79
C ALA B 144 -1.26 -0.86 -9.31
N ASN B 145 -0.20 -0.06 -9.41
CA ASN B 145 1.12 -0.45 -8.92
C ASN B 145 1.16 -0.63 -7.41
N ALA B 146 0.39 0.18 -6.69
CA ALA B 146 0.32 0.06 -5.23
C ALA B 146 -0.29 -1.28 -4.84
N LEU B 147 -1.39 -1.63 -5.49
CA LEU B 147 -2.02 -2.93 -5.30
C LEU B 147 -1.09 -4.09 -5.72
N ALA B 148 -0.42 -3.93 -6.86
CA ALA B 148 0.51 -4.95 -7.35
C ALA B 148 1.66 -5.22 -6.38
N ASN B 149 2.19 -4.14 -5.80
CA ASN B 149 3.24 -4.22 -4.78
C ASN B 149 2.86 -5.08 -3.58
N MSE B 150 1.69 -4.79 -2.99
CA MSE B 150 1.21 -5.57 -1.83
C MSE B 150 0.95 -7.00 -2.25
O MSE B 150 1.34 -7.93 -1.55
CB MSE B 150 -0.04 -4.96 -1.18
CG MSE B 150 -0.55 -5.84 -0.03
SE MSE B 150 -1.90 -4.96 1.12
CE MSE B 150 -0.68 -3.80 2.14
N ALA B 151 0.31 -7.19 -3.41
CA ALA B 151 0.10 -8.53 -3.95
C ALA B 151 1.41 -9.28 -4.03
N GLN B 152 2.43 -8.66 -4.62
CA GLN B 152 3.72 -9.34 -4.80
C GLN B 152 4.33 -9.75 -3.45
N THR B 153 4.30 -8.84 -2.49
CA THR B 153 4.84 -9.11 -1.17
C THR B 153 4.13 -10.26 -0.50
N TYR B 154 2.79 -10.22 -0.52
CA TYR B 154 1.99 -11.27 0.13
C TYR B 154 2.22 -12.62 -0.55
N LEU B 155 2.24 -12.62 -1.88
CA LEU B 155 2.48 -13.85 -2.64
C LEU B 155 3.87 -14.45 -2.42
N ASP B 156 4.89 -13.60 -2.31
CA ASP B 156 6.26 -14.08 -2.05
C ASP B 156 6.42 -14.66 -0.65
N GLU B 157 5.81 -14.01 0.34
CA GLU B 157 5.83 -14.52 1.72
C GLU B 157 5.17 -15.89 1.81
N LEU B 158 4.05 -16.05 1.11
CA LEU B 158 3.33 -17.31 1.14
C LEU B 158 4.14 -18.41 0.45
N LYS B 159 4.74 -18.08 -0.70
CA LYS B 159 5.51 -19.06 -1.46
C LYS B 159 6.70 -19.57 -0.65
N THR B 160 7.37 -18.64 0.03
CA THR B 160 8.53 -18.98 0.86
C THR B 160 8.10 -19.87 2.04
N PHE B 161 6.99 -19.51 2.68
CA PHE B 161 6.48 -20.30 3.80
C PHE B 161 6.10 -21.72 3.36
N VAL B 162 5.33 -21.82 2.28
CA VAL B 162 4.88 -23.12 1.80
C VAL B 162 6.06 -24.03 1.41
N ALA B 163 7.09 -23.44 0.81
CA ALA B 163 8.30 -24.19 0.45
C ALA B 163 9.01 -24.82 1.68
N SER B 164 8.80 -24.24 2.86
CA SER B 164 9.38 -24.76 4.09
C SER B 164 8.62 -25.95 4.68
N ILE B 165 7.47 -26.30 4.10
CA ILE B 165 6.70 -27.45 4.54
C ILE B 165 7.03 -28.62 3.63
N PRO B 166 7.65 -29.68 4.17
CA PRO B 166 7.92 -30.87 3.37
C PRO B 166 6.64 -31.51 2.85
N GLU B 167 6.72 -32.08 1.65
CA GLU B 167 5.57 -32.72 1.00
C GLU B 167 4.79 -33.64 1.93
N LYS B 168 5.52 -34.47 2.67
CA LYS B 168 4.96 -35.44 3.59
C LYS B 168 4.13 -34.81 4.71
N GLU B 169 4.40 -33.55 5.05
CA GLU B 169 3.71 -32.86 6.13
C GLU B 169 2.61 -31.91 5.64
N ARG B 170 2.28 -31.94 4.34
CA ARG B 170 1.26 -31.03 3.83
C ARG B 170 -0.12 -31.41 4.38
N THR B 171 -0.87 -30.42 4.85
CA THR B 171 -2.15 -30.66 5.50
C THR B 171 -3.21 -31.12 4.51
N LYS B 172 -3.83 -32.27 4.78
CA LYS B 172 -4.92 -32.75 3.94
C LYS B 172 -6.15 -31.89 4.17
N VAL B 173 -6.72 -31.39 3.09
CA VAL B 173 -7.84 -30.47 3.17
C VAL B 173 -8.96 -30.89 2.20
N TYR B 174 -10.19 -30.82 2.68
CA TYR B 174 -11.38 -31.05 1.89
C TYR B 174 -12.13 -29.73 1.74
N TYR B 175 -12.43 -29.38 0.50
CA TYR B 175 -13.21 -28.18 0.16
C TYR B 175 -14.67 -28.58 0.00
N ALA B 176 -15.47 -28.22 1.01
CA ALA B 176 -16.87 -28.63 1.09
C ALA B 176 -17.77 -27.57 0.50
N GLU B 177 -18.37 -27.90 -0.63
CA GLU B 177 -19.26 -26.98 -1.35
C GLU B 177 -20.69 -27.49 -1.34
N GLY B 178 -21.64 -26.59 -1.60
CA GLY B 178 -23.05 -26.89 -1.60
C GLY B 178 -23.68 -26.92 -0.22
N ASP B 179 -25.00 -27.03 -0.19
CA ASP B 179 -25.76 -27.03 1.06
C ASP B 179 -25.47 -28.24 1.95
N PHE B 180 -25.02 -29.34 1.35
CA PHE B 180 -24.83 -30.57 2.09
C PHE B 180 -23.36 -31.02 2.13
N GLY B 181 -22.45 -30.18 1.65
CA GLY B 181 -21.03 -30.45 1.70
C GLY B 181 -20.54 -31.59 0.83
N LEU B 182 -21.40 -32.04 -0.10
CA LEU B 182 -21.10 -33.20 -0.94
C LEU B 182 -20.68 -32.81 -2.35
N GLN B 183 -20.44 -31.53 -2.58
CA GLN B 183 -19.77 -31.12 -3.81
C GLN B 183 -18.41 -30.60 -3.41
N THR B 184 -17.43 -30.77 -4.28
CA THR B 184 -16.08 -30.30 -4.02
C THR B 184 -15.43 -29.94 -5.33
N GLU B 185 -14.16 -29.60 -5.28
CA GLU B 185 -13.39 -29.32 -6.48
C GLU B 185 -12.29 -30.33 -6.65
N CYS B 186 -11.90 -30.53 -7.89
CA CYS B 186 -10.67 -31.24 -8.24
C CYS B 186 -9.47 -30.52 -7.63
N ASP B 187 -8.40 -31.27 -7.36
CA ASP B 187 -7.17 -30.68 -6.86
C ASP B 187 -6.49 -29.76 -7.89
N ARG B 188 -6.84 -29.93 -9.16
CA ARG B 188 -6.47 -28.99 -10.23
C ARG B 188 -7.75 -28.36 -10.81
N SER B 189 -8.06 -27.16 -10.33
CA SER B 189 -9.28 -26.45 -10.69
C SER B 189 -9.08 -24.98 -10.38
N PHE B 190 -9.60 -24.09 -11.22
CA PHE B 190 -9.52 -22.68 -10.88
C PHE B 190 -10.37 -22.30 -9.66
N HIS B 191 -11.27 -23.19 -9.24
CA HIS B 191 -12.04 -22.98 -8.01
C HIS B 191 -11.29 -23.34 -6.72
N SER B 192 -10.27 -24.19 -6.81
CA SER B 192 -9.55 -24.65 -5.62
C SER B 192 -8.10 -24.19 -5.55
N GLU B 193 -7.67 -23.38 -6.51
CA GLU B 193 -6.28 -22.94 -6.60
C GLU B 193 -5.65 -22.40 -5.31
N PRO B 194 -6.35 -21.51 -4.57
CA PRO B 194 -5.67 -20.96 -3.40
C PRO B 194 -5.45 -21.96 -2.27
N LEU B 195 -6.25 -23.03 -2.23
CA LEU B 195 -6.03 -24.10 -1.26
C LEU B 195 -4.68 -24.79 -1.53
N ALA B 196 -4.36 -25.00 -2.80
CA ALA B 196 -3.06 -25.56 -3.18
C ALA B 196 -1.93 -24.54 -2.96
N LEU B 197 -2.19 -23.29 -3.32
CA LEU B 197 -1.21 -22.23 -3.14
C LEU B 197 -0.81 -22.05 -1.68
N ALA B 198 -1.76 -22.28 -0.78
CA ALA B 198 -1.55 -22.18 0.66
C ALA B 198 -0.88 -23.41 1.26
N GLY B 199 -0.56 -24.41 0.43
CA GLY B 199 0.20 -25.58 0.88
C GLY B 199 -0.66 -26.77 1.29
N GLY B 200 -1.91 -26.77 0.83
CA GLY B 200 -2.82 -27.86 1.15
C GLY B 200 -2.58 -29.08 0.27
N ASN B 201 -2.85 -30.25 0.82
CA ASN B 201 -3.02 -31.46 0.03
C ASN B 201 -4.51 -31.67 -0.20
N LEU B 202 -4.99 -31.24 -1.37
CA LEU B 202 -6.41 -31.30 -1.72
C LEU B 202 -6.83 -32.74 -2.00
N VAL B 203 -7.75 -33.27 -1.19
CA VAL B 203 -7.99 -34.71 -1.16
C VAL B 203 -8.67 -35.32 -2.39
N HIS B 204 -9.52 -34.55 -3.07
CA HIS B 204 -10.19 -35.04 -4.29
C HIS B 204 -9.29 -34.78 -5.52
N LYS B 205 -8.84 -35.86 -6.15
CA LYS B 205 -7.81 -35.79 -7.20
C LYS B 205 -8.44 -35.93 -8.60
N CYS B 206 -8.36 -34.87 -9.40
CA CYS B 206 -8.81 -34.88 -10.80
C CYS B 206 -8.41 -33.56 -11.45
N VAL B 207 -8.77 -33.38 -12.71
CA VAL B 207 -8.62 -32.10 -13.39
C VAL B 207 -9.99 -31.58 -13.75
N GLN B 208 -10.28 -30.35 -13.35
CA GLN B 208 -11.53 -29.67 -13.66
C GLN B 208 -11.92 -29.82 -15.15
N ASN B 209 -13.15 -30.27 -15.38
CA ASN B 209 -13.64 -30.49 -16.73
C ASN B 209 -14.81 -29.59 -17.11
N SER B 210 -15.37 -28.85 -16.15
CA SER B 210 -16.48 -27.96 -16.42
C SER B 210 -16.19 -26.62 -15.79
N VAL B 211 -16.78 -25.57 -16.35
CA VAL B 211 -16.60 -24.23 -15.83
C VAL B 211 -17.00 -24.15 -14.35
N VAL B 212 -18.15 -24.70 -13.99
CA VAL B 212 -18.67 -24.51 -12.64
C VAL B 212 -17.98 -25.39 -11.59
N GLY B 213 -17.30 -26.44 -12.03
CA GLY B 213 -16.70 -27.40 -11.11
C GLY B 213 -17.76 -28.23 -10.40
N LEU B 214 -17.70 -28.26 -9.07
CA LEU B 214 -18.71 -28.93 -8.23
C LEU B 214 -18.78 -30.45 -8.49
N GLN B 215 -17.64 -31.10 -8.35
CA GLN B 215 -17.57 -32.55 -8.45
C GLN B 215 -18.42 -33.13 -7.32
N GLU B 216 -19.10 -34.24 -7.59
CA GLU B 216 -19.98 -34.87 -6.59
C GLU B 216 -19.21 -35.95 -5.85
N VAL B 217 -19.28 -35.95 -4.52
CA VAL B 217 -18.75 -37.06 -3.72
C VAL B 217 -19.79 -37.51 -2.70
N SER B 218 -19.58 -38.69 -2.14
CA SER B 218 -20.44 -39.21 -1.08
C SER B 218 -19.88 -38.88 0.30
N PHE B 219 -20.76 -38.96 1.29
CA PHE B 219 -20.36 -38.83 2.69
C PHE B 219 -19.28 -39.87 3.01
N GLU B 220 -19.50 -41.08 2.54
CA GLU B 220 -18.57 -42.18 2.75
C GLU B 220 -17.19 -41.90 2.14
N GLN B 221 -17.17 -41.20 1.00
CA GLN B 221 -15.93 -40.76 0.36
C GLN B 221 -15.15 -39.77 1.22
N ILE B 222 -15.87 -38.84 1.84
CA ILE B 222 -15.24 -37.85 2.71
C ILE B 222 -14.57 -38.55 3.90
N ILE B 223 -15.28 -39.50 4.50
CA ILE B 223 -14.70 -40.33 5.57
C ILE B 223 -13.38 -40.98 5.10
N LEU B 224 -13.37 -41.56 3.90
CA LEU B 224 -12.16 -42.19 3.37
C LEU B 224 -11.02 -41.21 3.18
N TYR B 225 -11.35 -40.01 2.73
CA TYR B 225 -10.37 -38.96 2.51
C TYR B 225 -9.72 -38.47 3.81
N ASP B 226 -10.47 -38.54 4.92
CA ASP B 226 -9.91 -38.27 6.26
C ASP B 226 -9.15 -36.94 6.28
N PRO B 227 -9.83 -35.83 5.88
CA PRO B 227 -9.13 -34.56 5.86
C PRO B 227 -8.80 -34.05 7.25
N GLU B 228 -7.70 -33.34 7.39
N GLU B 228 -7.68 -33.35 7.39
CA GLU B 228 -7.33 -32.71 8.67
CA GLU B 228 -7.29 -32.71 8.64
C GLU B 228 -8.06 -31.38 8.86
C GLU B 228 -8.06 -31.39 8.85
N VAL B 229 -8.32 -30.68 7.76
CA VAL B 229 -9.05 -29.42 7.78
C VAL B 229 -10.14 -29.46 6.71
N ILE B 230 -11.29 -28.88 7.03
CA ILE B 230 -12.36 -28.73 6.08
C ILE B 230 -12.63 -27.25 5.91
N ILE B 231 -12.60 -26.79 4.65
CA ILE B 231 -12.95 -25.41 4.30
C ILE B 231 -14.33 -25.44 3.68
N VAL B 232 -15.25 -24.68 4.26
CA VAL B 232 -16.67 -24.68 3.90
C VAL B 232 -17.08 -23.38 3.21
N GLN B 233 -17.84 -23.49 2.13
CA GLN B 233 -18.34 -22.31 1.41
C GLN B 233 -19.74 -21.89 1.89
N ASN B 234 -20.64 -22.86 2.10
N ASN B 234 -20.65 -22.86 2.08
CA ASN B 234 -22.03 -22.55 2.39
CA ASN B 234 -22.03 -22.52 2.41
C ASN B 234 -22.31 -22.52 3.90
C ASN B 234 -22.28 -22.50 3.91
N PRO B 235 -22.82 -21.38 4.41
CA PRO B 235 -23.11 -21.28 5.84
C PRO B 235 -24.10 -22.33 6.35
N THR B 236 -25.01 -22.83 5.51
CA THR B 236 -25.95 -23.85 5.99
C THR B 236 -25.19 -25.16 6.31
N PHE B 237 -24.21 -25.51 5.49
CA PHE B 237 -23.42 -26.69 5.76
C PHE B 237 -22.54 -26.54 7.00
N TYR B 238 -22.01 -25.33 7.21
CA TYR B 238 -21.20 -25.06 8.39
C TYR B 238 -21.98 -25.37 9.67
N LYS B 239 -23.27 -25.05 9.69
CA LYS B 239 -24.15 -25.42 10.80
C LYS B 239 -24.40 -26.93 10.86
N THR B 240 -24.77 -27.49 9.72
CA THR B 240 -25.09 -28.92 9.62
C THR B 240 -23.97 -29.83 10.12
N VAL B 241 -22.73 -29.49 9.77
CA VAL B 241 -21.59 -30.34 10.03
C VAL B 241 -21.29 -30.45 11.53
N PHE B 242 -21.66 -29.44 12.31
CA PHE B 242 -21.54 -29.50 13.76
C PHE B 242 -22.82 -29.93 14.48
N ARG B 243 -23.94 -30.00 13.74
CA ARG B 243 -25.22 -30.41 14.31
C ARG B 243 -25.52 -31.90 14.08
N GLU B 244 -25.50 -32.34 12.83
CA GLU B 244 -25.84 -33.72 12.49
C GLU B 244 -24.78 -34.67 13.04
N LYS B 245 -25.23 -35.69 13.77
CA LYS B 245 -24.32 -36.60 14.46
C LYS B 245 -23.38 -37.36 13.52
N LYS B 246 -23.80 -37.66 12.29
CA LYS B 246 -22.98 -38.51 11.43
C LYS B 246 -21.61 -37.91 11.14
N TRP B 247 -21.52 -36.59 11.12
CA TRP B 247 -20.26 -35.89 10.83
C TRP B 247 -19.25 -35.95 11.97
N ALA B 248 -19.71 -36.29 13.19
CA ALA B 248 -18.85 -36.30 14.39
C ALA B 248 -17.69 -37.30 14.27
N VAL B 249 -17.81 -38.25 13.36
CA VAL B 249 -16.82 -39.30 13.21
C VAL B 249 -15.57 -38.78 12.47
N LEU B 250 -15.68 -37.63 11.82
CA LEU B 250 -14.55 -37.01 11.16
C LEU B 250 -13.62 -36.33 12.15
N LYS B 251 -12.31 -36.59 12.01
CA LYS B 251 -11.30 -35.97 12.87
C LYS B 251 -11.32 -34.43 12.76
N ALA B 252 -11.52 -33.90 11.56
CA ALA B 252 -11.61 -32.45 11.39
C ALA B 252 -12.73 -31.86 12.24
N VAL B 253 -13.87 -32.55 12.31
CA VAL B 253 -15.01 -32.09 13.11
C VAL B 253 -14.71 -32.20 14.61
N GLN B 254 -14.18 -33.35 15.04
CA GLN B 254 -13.72 -33.53 16.44
C GLN B 254 -12.77 -32.42 16.89
N ASN B 255 -11.79 -32.12 16.04
CA ASN B 255 -10.79 -31.11 16.34
C ASN B 255 -11.27 -29.68 16.05
N LYS B 256 -12.49 -29.54 15.56
CA LYS B 256 -13.07 -28.23 15.27
C LYS B 256 -12.28 -27.45 14.20
N LYS B 257 -11.61 -28.19 13.31
CA LYS B 257 -10.81 -27.59 12.24
C LYS B 257 -11.65 -27.50 10.96
N VAL B 258 -12.75 -26.78 11.09
CA VAL B 258 -13.74 -26.60 10.04
C VAL B 258 -14.00 -25.10 10.00
N TYR B 259 -13.80 -24.48 8.84
CA TYR B 259 -13.82 -23.01 8.72
C TYR B 259 -14.67 -22.53 7.54
N LEU B 260 -15.53 -21.55 7.82
CA LEU B 260 -16.41 -20.95 6.83
C LEU B 260 -15.69 -19.79 6.13
N VAL B 261 -15.71 -19.80 4.80
CA VAL B 261 -14.93 -18.83 4.02
C VAL B 261 -15.61 -17.46 4.13
N PRO B 262 -14.84 -16.40 4.49
CA PRO B 262 -15.44 -15.06 4.51
C PRO B 262 -15.85 -14.52 3.14
N LYS B 263 -16.88 -13.68 3.13
CA LYS B 263 -17.57 -13.25 1.91
C LYS B 263 -17.77 -11.74 1.76
N SER B 264 -17.30 -10.98 2.74
CA SER B 264 -17.60 -9.55 2.83
C SER B 264 -16.43 -8.70 2.39
N PRO B 265 -16.56 -7.95 1.28
CA PRO B 265 -17.65 -7.83 0.31
C PRO B 265 -17.54 -8.80 -0.86
N PHE B 266 -16.35 -9.38 -1.04
CA PHE B 266 -16.06 -10.32 -2.09
C PHE B 266 -15.53 -11.60 -1.41
N ASN B 267 -15.86 -12.73 -1.98
CA ASN B 267 -15.45 -14.03 -1.43
C ASN B 267 -13.93 -14.15 -1.37
N TRP B 268 -13.41 -14.64 -0.25
CA TRP B 268 -11.97 -14.72 -0.07
C TRP B 268 -11.28 -15.78 -0.91
N THR B 269 -12.01 -16.79 -1.41
CA THR B 269 -11.35 -17.92 -2.10
C THR B 269 -11.96 -18.40 -3.43
N ASP B 270 -13.23 -18.13 -3.70
CA ASP B 270 -13.93 -18.74 -4.86
C ASP B 270 -15.30 -18.08 -5.10
N ARG B 271 -15.89 -18.30 -6.27
CA ARG B 271 -17.27 -17.82 -6.54
C ARG B 271 -17.44 -16.31 -6.32
N PRO B 272 -16.58 -15.49 -6.96
CA PRO B 272 -15.60 -15.86 -8.00
C PRO B 272 -14.16 -16.06 -7.51
N PRO B 273 -13.35 -16.78 -8.31
CA PRO B 273 -11.89 -16.66 -8.21
C PRO B 273 -11.53 -15.20 -8.41
N SER B 274 -10.67 -14.63 -7.57
CA SER B 274 -10.27 -13.22 -7.73
C SER B 274 -9.02 -12.87 -6.94
N PHE B 275 -8.58 -11.64 -7.12
CA PHE B 275 -7.46 -11.06 -6.37
C PHE B 275 -7.60 -11.15 -4.85
N MSE B 276 -8.82 -11.36 -4.35
CA MSE B 276 -9.02 -11.59 -2.90
C MSE B 276 -8.18 -12.75 -2.39
O MSE B 276 -7.88 -12.81 -1.19
CB MSE B 276 -10.48 -11.91 -2.57
CG MSE B 276 -11.47 -10.78 -2.85
SE MSE B 276 -11.13 -9.17 -1.77
CE MSE B 276 -11.56 -9.93 -0.01
N ARG B 277 -7.81 -13.67 -3.29
CA ARG B 277 -6.91 -14.79 -2.98
C ARG B 277 -5.54 -14.38 -2.44
N ILE B 278 -5.08 -13.18 -2.80
CA ILE B 278 -3.87 -12.61 -2.21
C ILE B 278 -3.96 -12.67 -0.68
N LEU B 279 -5.15 -12.37 -0.14
CA LEU B 279 -5.41 -12.47 1.29
C LEU B 279 -5.97 -13.85 1.66
N GLY B 280 -6.90 -14.35 0.85
CA GLY B 280 -7.55 -15.62 1.11
C GLY B 280 -6.62 -16.79 1.27
N ALA B 281 -5.56 -16.84 0.45
CA ALA B 281 -4.59 -17.94 0.55
C ALA B 281 -3.79 -17.87 1.87
N HIS B 282 -3.51 -16.66 2.35
CA HIS B 282 -2.92 -16.49 3.67
C HIS B 282 -3.87 -16.96 4.77
N TRP B 283 -5.14 -16.59 4.66
CA TRP B 283 -6.14 -17.07 5.61
C TRP B 283 -6.16 -18.61 5.61
N ILE B 284 -6.19 -19.24 4.43
CA ILE B 284 -6.14 -20.72 4.34
C ILE B 284 -4.89 -21.29 5.01
N ALA B 285 -3.73 -20.69 4.74
CA ALA B 285 -2.47 -21.20 5.32
C ALA B 285 -2.49 -21.12 6.84
N SER B 286 -3.12 -20.08 7.39
CA SER B 286 -3.20 -19.92 8.84
C SER B 286 -4.05 -21.02 9.48
N LYS B 287 -5.05 -21.52 8.74
CA LYS B 287 -5.89 -22.62 9.22
C LYS B 287 -5.24 -24.00 8.99
N LEU B 288 -4.52 -24.14 7.87
CA LEU B 288 -3.81 -25.37 7.56
C LEU B 288 -2.59 -25.63 8.45
N TYR B 289 -1.96 -24.55 8.91
CA TYR B 289 -0.68 -24.61 9.64
C TYR B 289 -0.73 -23.72 10.86
N PRO B 290 -1.61 -24.05 11.83
CA PRO B 290 -1.86 -23.15 12.94
C PRO B 290 -0.64 -22.89 13.80
N THR B 291 0.27 -23.84 13.88
CA THR B 291 1.50 -23.66 14.67
C THR B 291 2.65 -23.07 13.84
N ARG B 292 2.77 -23.47 12.58
CA ARG B 292 3.91 -23.05 11.75
C ARG B 292 3.71 -21.69 11.06
N TYR B 293 2.47 -21.36 10.73
CA TYR B 293 2.21 -20.12 9.99
C TYR B 293 2.77 -18.93 10.77
N PRO B 294 3.70 -18.17 10.17
CA PRO B 294 4.47 -17.20 10.95
C PRO B 294 3.98 -15.76 10.99
N TYR B 295 2.87 -15.45 10.30
CA TYR B 295 2.36 -14.08 10.26
C TYR B 295 1.13 -13.93 11.13
N LYS B 296 0.76 -12.68 11.40
CA LYS B 296 -0.47 -12.38 12.13
C LYS B 296 -1.56 -12.08 11.13
N ILE B 297 -2.45 -13.05 10.95
CA ILE B 297 -3.45 -13.00 9.88
C ILE B 297 -4.36 -11.79 10.05
N GLU B 298 -4.72 -11.45 11.29
CA GLU B 298 -5.59 -10.31 11.55
C GLU B 298 -4.97 -8.99 11.07
N ASP B 299 -3.66 -8.86 11.21
CA ASP B 299 -2.95 -7.66 10.74
C ASP B 299 -2.86 -7.61 9.21
N LYS B 300 -2.72 -8.76 8.56
CA LYS B 300 -2.79 -8.83 7.09
C LYS B 300 -4.15 -8.42 6.56
N VAL B 301 -5.22 -8.84 7.25
CA VAL B 301 -6.58 -8.48 6.86
C VAL B 301 -6.78 -6.97 6.96
N LYS B 302 -6.33 -6.38 8.07
CA LYS B 302 -6.42 -4.92 8.26
C LYS B 302 -5.68 -4.15 7.15
N ALA B 303 -4.43 -4.53 6.88
CA ALA B 303 -3.63 -3.81 5.87
C ALA B 303 -4.22 -3.97 4.47
N PHE B 304 -4.63 -5.19 4.14
CA PHE B 304 -5.22 -5.49 2.84
C PHE B 304 -6.51 -4.69 2.63
N TYR B 305 -7.41 -4.70 3.61
CA TYR B 305 -8.67 -3.96 3.50
C TYR B 305 -8.44 -2.44 3.40
N GLN B 306 -7.46 -1.92 4.13
CA GLN B 306 -7.18 -0.48 4.11
C GLN B 306 -6.73 -0.06 2.72
N LEU B 307 -5.82 -0.82 2.13
CA LEU B 307 -5.28 -0.46 0.82
C LEU B 307 -6.28 -0.76 -0.32
N PHE B 308 -6.77 -2.00 -0.38
CA PHE B 308 -7.63 -2.43 -1.48
C PHE B 308 -9.03 -1.80 -1.44
N PHE B 309 -9.61 -1.66 -0.25
CA PHE B 309 -10.96 -1.11 -0.10
C PHE B 309 -11.06 0.27 0.54
N GLY B 310 -9.97 0.76 1.13
CA GLY B 310 -10.02 2.05 1.84
C GLY B 310 -10.88 1.98 3.08
N VAL B 311 -10.92 0.80 3.72
CA VAL B 311 -11.76 0.54 4.87
C VAL B 311 -10.88 0.18 6.08
N GLU B 312 -11.10 0.89 7.19
CA GLU B 312 -10.47 0.57 8.46
C GLU B 312 -11.35 -0.41 9.20
N LEU B 313 -10.77 -1.47 9.73
CA LEU B 313 -11.50 -2.50 10.46
C LEU B 313 -11.18 -2.45 11.96
N SER B 314 -12.21 -2.36 12.80
CA SER B 314 -12.02 -2.50 14.23
C SER B 314 -11.84 -3.97 14.62
N ASN B 315 -11.44 -4.24 15.86
CA ASN B 315 -11.37 -5.62 16.35
C ASN B 315 -12.74 -6.28 16.35
N GLU B 316 -13.78 -5.52 16.63
CA GLU B 316 -15.14 -6.05 16.55
C GLU B 316 -15.51 -6.40 15.09
N ASP B 317 -15.06 -5.59 14.12
CA ASP B 317 -15.28 -5.90 12.71
C ASP B 317 -14.60 -7.20 12.32
N LEU B 318 -13.37 -7.40 12.79
CA LEU B 318 -12.63 -8.62 12.47
C LEU B 318 -13.38 -9.85 12.95
N LYS B 319 -13.94 -9.76 14.16
CA LYS B 319 -14.69 -10.83 14.76
C LYS B 319 -16.01 -11.06 14.02
N THR B 320 -16.77 -9.97 13.83
CA THR B 320 -18.08 -10.03 13.18
C THR B 320 -18.04 -10.57 11.76
N TYR B 321 -17.15 -10.03 10.94
CA TYR B 321 -17.15 -10.38 9.52
C TYR B 321 -16.28 -11.59 9.19
N PHE B 322 -15.23 -11.84 9.98
CA PHE B 322 -14.21 -12.82 9.59
C PHE B 322 -13.82 -13.85 10.66
N LYS B 323 -14.34 -13.73 11.88
CA LYS B 323 -13.97 -14.59 13.01
C LYS B 323 -12.47 -14.57 13.28
N LEU B 324 -11.88 -13.38 13.23
CA LEU B 324 -10.44 -13.20 13.45
C LEU B 324 -10.23 -12.14 14.53
O1 MES C . -10.63 3.23 -1.49
C2 MES C . -9.29 2.83 -1.78
C3 MES C . -8.51 3.97 -2.44
N4 MES C . -9.23 4.48 -3.62
C5 MES C . -10.60 4.88 -3.26
C6 MES C . -11.36 3.73 -2.62
C7 MES C . -8.56 5.64 -4.22
C8 MES C . -7.04 5.61 -4.06
S MES C . -6.36 6.39 -5.36
O1S MES C . -4.89 6.22 -5.32
O2S MES C . -6.72 7.82 -5.32
O3S MES C . -6.93 5.81 -6.61
C1 PEG D . -9.21 12.92 9.73
O1 PEG D . -9.75 13.65 10.84
C2 PEG D . -8.12 11.97 10.20
O2 PEG D . -7.84 11.09 9.12
C3 PEG D . -7.63 9.73 9.49
C4 PEG D . -7.93 8.81 8.32
O4 PEG D . -9.02 7.91 8.60
N HIS E . 0.81 27.75 0.56
CA HIS E . 1.34 26.72 1.48
C HIS E . 2.12 27.36 2.63
O HIS E . 3.36 27.34 2.72
CB HIS E . 2.21 25.71 0.74
CG HIS E . 1.59 25.20 -0.52
ND1 HIS E . 2.34 24.80 -1.61
CD2 HIS E . 0.29 25.04 -0.87
CE1 HIS E . 1.52 24.39 -2.57
NE2 HIS E . 0.28 24.53 -2.16
OXT HIS E . 1.48 27.92 3.51
O1 MES F . -16.47 -15.00 9.71
C2 MES F . -16.26 -16.15 8.89
C3 MES F . -17.10 -16.02 7.64
N4 MES F . -18.51 -15.91 8.02
C5 MES F . -18.72 -14.67 8.78
C6 MES F . -17.83 -14.67 10.02
C7 MES F . -19.32 -15.86 6.81
C8 MES F . -20.79 -15.78 7.18
S MES F . -21.67 -16.05 5.79
O1S MES F . -21.14 -17.25 5.06
O2S MES F . -21.52 -14.87 4.91
O3S MES F . -23.08 -16.23 6.15
O1 MES G . -4.40 5.74 8.43
C2 MES G . -5.28 5.43 9.51
C3 MES G . -4.88 4.11 10.19
N4 MES G . -4.74 3.02 9.21
C5 MES G . -3.75 3.43 8.20
C6 MES G . -4.26 4.68 7.49
C7 MES G . -4.32 1.78 9.90
C8 MES G . -4.04 0.66 8.90
S MES G . -3.54 -0.72 9.71
O1S MES G . -4.70 -1.29 10.44
O2S MES G . -2.49 -0.37 10.67
O3S MES G . -3.02 -1.70 8.74
C1 PEG H . -18.36 3.20 1.87
O1 PEG H . -19.03 2.69 3.03
C2 PEG H . -17.20 2.27 1.52
O2 PEG H . -16.18 3.01 0.83
C3 PEG H . -15.07 3.33 1.65
C4 PEG H . -14.21 4.39 0.95
O4 PEG H . -13.74 5.36 1.89
#